data_3LP9
#
_entry.id   3LP9
#
_cell.length_a   83.170
_cell.length_b   88.140
_cell.length_c   154.530
_cell.angle_alpha   90.00
_cell.angle_beta   90.00
_cell.angle_gamma   90.00
#
_symmetry.space_group_name_H-M   'P 21 21 21'
#
loop_
_entity.id
_entity.type
_entity.pdbx_description
1 polymer LS-24
2 non-polymer 'CALCIUM ION'
3 non-polymer 'CHLORIDE ION'
4 non-polymer 'SODIUM ION'
5 non-polymer SPERMINE
6 water water
#
_entity_poly.entity_id   1
_entity_poly.type   'polypeptide(L)'
_entity_poly.pdbx_seq_one_letter_code
;TKPGYINAAFRSSKNNEAYFFINDKYVLLDYAPGSSRDKVLYGPTPVRDGFKSLNQTIFGSYGIDCSFDTENNEAFIFYE
NFCALIDYAPHSKKDKIILGPKKIADVFPFFEGTVFESGIDAAYRSTRGKEVYLFKGDQYARIDYGSNSMVNKEIKSISS
GYPCFRNTIFESGADAAFASHKTNEVYFFKDDHYARVKVTP(UNK)(UNK)KL(UNK)IMDGVREIVDYWPSLKDIVPL
;
_entity_poly.pdbx_strand_id   A,B,C,D
#
# COMPACT_ATOMS: atom_id res chain seq x y z
N THR A 1 1.93 -3.90 18.45
CA THR A 1 2.62 -4.55 19.59
C THR A 1 4.02 -5.06 19.24
N LYS A 2 4.99 -4.85 20.12
CA LYS A 2 6.36 -5.34 19.92
C LYS A 2 6.52 -6.73 20.47
N PRO A 3 7.57 -7.45 20.08
CA PRO A 3 7.80 -8.76 20.66
C PRO A 3 7.82 -8.71 22.18
N GLY A 4 7.23 -9.72 22.81
CA GLY A 4 7.34 -9.80 24.26
C GLY A 4 6.26 -9.10 25.06
N TYR A 5 5.48 -8.22 24.42
CA TYR A 5 4.46 -7.44 25.14
C TYR A 5 3.08 -7.98 24.94
N ILE A 6 2.17 -7.62 25.83
CA ILE A 6 0.79 -8.07 25.78
C ILE A 6 0.14 -7.62 24.49
N ASN A 7 -0.31 -8.59 23.71
CA ASN A 7 -0.93 -8.36 22.43
C ASN A 7 -2.41 -8.59 22.42
N ALA A 8 -2.95 -9.27 23.45
CA ALA A 8 -4.37 -9.51 23.56
C ALA A 8 -4.72 -9.82 25.03
N ALA A 9 -5.98 -9.62 25.46
CA ALA A 9 -6.39 -9.95 26.78
C ALA A 9 -7.89 -10.11 26.82
N PHE A 10 -8.37 -10.97 27.71
CA PHE A 10 -9.80 -11.02 27.99
C PHE A 10 -10.09 -11.46 29.42
N ARG A 11 -11.23 -11.03 29.94
CA ARG A 11 -11.66 -11.39 31.26
C ARG A 11 -12.23 -12.83 31.37
N SER A 12 -11.79 -13.55 32.40
CA SER A 12 -12.32 -14.89 32.65
C SER A 12 -13.65 -14.83 33.36
N SER A 13 -14.52 -15.83 33.14
CA SER A 13 -15.79 -15.94 33.93
C SER A 13 -15.45 -16.27 35.39
N LYS A 14 -14.25 -16.82 35.61
CA LYS A 14 -13.75 -17.07 36.96
C LYS A 14 -13.30 -15.75 37.59
N ASN A 15 -13.87 -15.41 38.74
CA ASN A 15 -13.62 -14.14 39.35
C ASN A 15 -12.17 -13.73 39.45
N ASN A 16 -11.87 -12.48 39.04
CA ASN A 16 -10.56 -11.85 39.24
C ASN A 16 -9.41 -12.46 38.45
N GLU A 17 -9.75 -13.25 37.41
CA GLU A 17 -8.78 -13.87 36.49
C GLU A 17 -8.94 -13.33 35.05
N ALA A 18 -7.81 -13.26 34.33
CA ALA A 18 -7.75 -12.75 32.98
C ALA A 18 -6.63 -13.49 32.22
N TYR A 19 -6.84 -13.72 30.91
CA TYR A 19 -5.84 -14.33 30.01
C TYR A 19 -5.14 -13.20 29.20
N PHE A 20 -3.80 -13.25 29.18
CA PHE A 20 -3.01 -12.23 28.49
C PHE A 20 -2.32 -13.00 27.40
N PHE A 21 -2.37 -12.50 26.19
CA PHE A 21 -1.70 -13.16 25.09
C PHE A 21 -0.46 -12.38 24.64
N ILE A 22 0.64 -13.08 24.63
CA ILE A 22 1.96 -12.49 24.34
C ILE A 22 2.63 -13.37 23.33
N ASN A 23 3.13 -12.79 22.24
CA ASN A 23 3.74 -13.58 21.16
C ASN A 23 2.78 -14.71 20.75
N ASP A 24 3.26 -15.94 20.79
CA ASP A 24 2.42 -17.08 20.54
C ASP A 24 2.15 -17.87 21.83
N LYS A 25 2.24 -17.22 22.98
CA LYS A 25 1.81 -17.79 24.23
C LYS A 25 0.74 -17.02 24.99
N TYR A 26 0.41 -17.56 26.16
CA TYR A 26 -0.47 -16.88 27.07
C TYR A 26 -0.07 -17.03 28.54
N VAL A 27 -0.60 -16.16 29.36
CA VAL A 27 -0.44 -16.18 30.80
C VAL A 27 -1.90 -16.10 31.34
N LEU A 28 -2.21 -16.94 32.34
CA LEU A 28 -3.42 -16.79 33.14
C LEU A 28 -3.04 -16.08 34.49
N LEU A 29 -3.55 -14.88 34.69
CA LEU A 29 -3.26 -14.07 35.86
C LEU A 29 -4.46 -13.86 36.81
N ASP A 30 -4.17 -13.98 38.10
CA ASP A 30 -5.08 -13.55 39.15
C ASP A 30 -4.62 -12.16 39.35
N TYR A 31 -5.24 -11.20 38.68
CA TYR A 31 -4.74 -9.84 38.67
C TYR A 31 -5.24 -9.04 39.87
N ALA A 32 -5.82 -9.75 40.83
CA ALA A 32 -6.30 -9.19 42.07
C ALA A 32 -6.66 -7.69 42.03
N PRO A 33 -7.75 -7.32 41.35
CA PRO A 33 -8.10 -5.85 41.30
C PRO A 33 -8.60 -5.24 42.63
N GLY A 34 -8.02 -4.10 43.01
CA GLY A 34 -8.40 -3.45 44.25
C GLY A 34 -7.65 -3.97 45.47
N SER A 35 -6.64 -4.80 45.22
CA SER A 35 -5.78 -5.33 46.23
C SER A 35 -4.38 -5.56 45.60
N SER A 36 -3.47 -6.16 46.37
CA SER A 36 -2.10 -6.40 45.91
C SER A 36 -1.68 -7.87 45.84
N ARG A 37 -2.62 -8.80 45.97
CA ARG A 37 -2.34 -10.23 45.96
C ARG A 37 -2.33 -10.86 44.53
N ASP A 38 -1.73 -10.16 43.55
CA ASP A 38 -1.60 -10.66 42.17
C ASP A 38 -0.69 -11.89 42.11
N LYS A 39 -1.04 -12.87 41.25
CA LYS A 39 -0.19 -14.04 41.05
C LYS A 39 -0.51 -14.69 39.72
N VAL A 40 0.51 -15.19 39.07
CA VAL A 40 0.37 -15.98 37.84
C VAL A 40 -0.04 -17.41 38.14
N LEU A 41 -1.20 -17.77 37.61
CA LEU A 41 -1.80 -19.10 37.80
C LEU A 41 -1.26 -20.15 36.82
N TYR A 42 -1.00 -19.73 35.60
CA TYR A 42 -0.53 -20.61 34.53
C TYR A 42 0.27 -19.77 33.56
N GLY A 43 1.28 -20.34 32.94
CA GLY A 43 2.04 -19.61 31.94
C GLY A 43 3.38 -19.09 32.40
N PRO A 44 4.16 -18.48 31.48
CA PRO A 44 3.93 -18.36 30.01
C PRO A 44 3.95 -19.73 29.37
N THR A 45 3.00 -20.00 28.48
CA THR A 45 3.04 -21.26 27.75
C THR A 45 2.31 -21.08 26.42
N PRO A 46 2.79 -21.80 25.38
CA PRO A 46 2.14 -21.77 24.04
C PRO A 46 0.64 -21.98 24.03
N VAL A 47 0.00 -21.17 23.22
CA VAL A 47 -1.42 -21.30 22.96
C VAL A 47 -1.73 -22.70 22.43
N ARG A 48 -0.75 -23.31 21.73
CA ARG A 48 -1.03 -24.55 21.00
C ARG A 48 -1.08 -25.68 22.03
N ASP A 49 -0.39 -25.46 23.16
CA ASP A 49 -0.22 -26.44 24.27
C ASP A 49 -1.32 -26.21 25.30
N GLY A 50 -1.59 -24.93 25.59
CA GLY A 50 -2.60 -24.58 26.55
C GLY A 50 -4.03 -24.82 26.17
N PHE A 51 -4.35 -24.47 24.92
CA PHE A 51 -5.70 -24.60 24.33
C PHE A 51 -5.60 -25.57 23.16
N LYS A 52 -5.55 -26.87 23.44
CA LYS A 52 -5.29 -27.84 22.41
C LYS A 52 -6.20 -27.80 21.19
N SER A 53 -7.46 -27.33 21.34
CA SER A 53 -8.35 -27.15 20.21
C SER A 53 -7.79 -26.15 19.16
N LEU A 54 -6.80 -25.32 19.57
CA LEU A 54 -6.21 -24.27 18.72
C LEU A 54 -4.88 -24.71 18.12
N ASN A 55 -4.29 -25.77 18.68
CA ASN A 55 -3.02 -26.33 18.27
C ASN A 55 -2.76 -26.39 16.75
N GLN A 56 -3.54 -27.15 15.99
CA GLN A 56 -3.37 -27.13 14.54
C GLN A 56 -4.30 -26.16 13.82
N THR A 57 -4.18 -24.87 14.15
CA THR A 57 -4.91 -23.78 13.51
C THR A 57 -3.96 -22.59 13.45
N ILE A 58 -4.31 -21.51 12.73
CA ILE A 58 -3.51 -20.29 12.69
C ILE A 58 -3.18 -19.72 14.08
N PHE A 59 -4.14 -19.77 15.01
CA PHE A 59 -4.01 -19.29 16.43
C PHE A 59 -3.01 -20.06 17.20
N GLY A 60 -2.88 -21.37 16.88
CA GLY A 60 -1.92 -22.21 17.54
C GLY A 60 -0.54 -22.06 16.93
N SER A 61 -0.48 -21.77 15.64
CA SER A 61 0.80 -21.47 14.96
C SER A 61 1.41 -20.09 15.34
N TYR A 62 0.58 -19.04 15.39
CA TYR A 62 1.06 -17.66 15.48
C TYR A 62 0.63 -16.89 16.74
N GLY A 63 -0.23 -17.53 17.56
CA GLY A 63 -0.76 -16.90 18.76
C GLY A 63 -2.01 -16.10 18.40
N ILE A 64 -2.42 -15.22 19.32
CA ILE A 64 -3.68 -14.46 19.24
C ILE A 64 -3.37 -12.99 19.43
N ASP A 65 -3.86 -12.12 18.54
CA ASP A 65 -3.50 -10.68 18.65
C ASP A 65 -4.57 -9.72 19.09
N CYS A 66 -5.81 -10.16 19.21
CA CYS A 66 -6.88 -9.37 19.77
C CYS A 66 -7.93 -10.40 20.27
N SER A 67 -8.76 -9.95 21.22
CA SER A 67 -9.79 -10.79 21.84
C SER A 67 -10.75 -10.03 22.70
N PHE A 68 -11.75 -10.71 23.21
CA PHE A 68 -12.67 -10.15 24.18
C PHE A 68 -13.67 -11.23 24.54
N ASP A 69 -13.89 -11.37 25.83
CA ASP A 69 -14.92 -12.26 26.37
C ASP A 69 -16.30 -11.77 25.95
N THR A 70 -17.22 -12.72 25.72
CA THR A 70 -18.59 -12.38 25.32
C THR A 70 -19.44 -12.67 26.53
N GLU A 71 -19.69 -13.94 26.79
CA GLU A 71 -20.58 -14.37 27.83
C GLU A 71 -20.26 -15.80 28.15
N ASN A 72 -20.56 -16.21 29.39
CA ASN A 72 -20.28 -17.56 29.84
C ASN A 72 -18.78 -17.84 29.72
N ASN A 73 -18.43 -18.98 29.13
CA ASN A 73 -17.01 -19.28 28.98
C ASN A 73 -16.59 -19.07 27.53
N GLU A 74 -17.20 -18.11 26.83
CA GLU A 74 -16.83 -17.80 25.46
C GLU A 74 -16.13 -16.48 25.24
N ALA A 75 -15.37 -16.38 24.13
CA ALA A 75 -14.52 -15.21 23.73
C ALA A 75 -14.19 -15.31 22.23
N PHE A 76 -14.09 -14.15 21.59
CA PHE A 76 -13.65 -14.02 20.21
C PHE A 76 -12.16 -13.77 20.26
N ILE A 77 -11.44 -14.46 19.40
CA ILE A 77 -9.99 -14.28 19.26
C ILE A 77 -9.71 -13.90 17.82
N PHE A 78 -8.61 -13.21 17.60
CA PHE A 78 -8.27 -12.70 16.24
C PHE A 78 -6.78 -12.99 16.04
N TYR A 79 -6.38 -13.15 14.77
CA TYR A 79 -5.01 -13.18 14.36
C TYR A 79 -5.02 -12.62 12.97
N GLU A 80 -4.46 -11.41 12.84
CA GLU A 80 -4.46 -10.71 11.56
C GLU A 80 -5.90 -10.56 11.05
N ASN A 81 -6.20 -11.09 9.85
CA ASN A 81 -7.56 -10.91 9.26
C ASN A 81 -8.64 -11.97 9.59
N PHE A 82 -8.24 -12.96 10.38
CA PHE A 82 -9.08 -14.11 10.78
C PHE A 82 -9.50 -13.96 12.23
N CYS A 83 -10.64 -14.55 12.56
CA CYS A 83 -11.12 -14.56 13.93
C CYS A 83 -11.90 -15.85 14.23
N ALA A 84 -12.06 -16.13 15.51
CA ALA A 84 -12.76 -17.38 15.93
C ALA A 84 -13.52 -17.13 17.23
N LEU A 85 -14.64 -17.81 17.40
CA LEU A 85 -15.35 -17.81 18.67
C LEU A 85 -15.04 -19.11 19.42
N ILE A 86 -14.44 -19.03 20.60
CA ILE A 86 -14.04 -20.21 21.36
C ILE A 86 -14.73 -20.37 22.72
N ASP A 87 -14.66 -21.60 23.26
CA ASP A 87 -15.05 -21.87 24.61
C ASP A 87 -13.76 -22.20 25.29
N TYR A 88 -13.27 -21.34 26.20
CA TYR A 88 -11.95 -21.56 26.81
C TYR A 88 -12.07 -22.39 28.11
N ALA A 89 -13.24 -22.96 28.34
CA ALA A 89 -13.56 -23.84 29.46
C ALA A 89 -12.56 -23.75 30.60
N PRO A 90 -12.69 -22.70 31.46
CA PRO A 90 -11.74 -22.46 32.56
C PRO A 90 -11.70 -23.50 33.68
N HIS A 91 -12.75 -24.32 33.81
CA HIS A 91 -12.83 -25.37 34.83
C HIS A 91 -12.47 -26.75 34.27
N SER A 92 -13.16 -27.18 33.20
CA SER A 92 -12.95 -28.48 32.59
C SER A 92 -11.67 -28.54 31.78
N LYS A 93 -11.05 -27.39 31.49
CA LYS A 93 -9.85 -27.32 30.64
C LYS A 93 -10.12 -27.93 29.25
N LYS A 94 -11.40 -27.99 28.87
CA LYS A 94 -11.74 -28.59 27.60
C LYS A 94 -12.19 -27.54 26.57
N ASP A 95 -11.22 -26.75 26.13
CA ASP A 95 -11.43 -25.74 25.07
C ASP A 95 -11.89 -26.37 23.71
N LYS A 96 -12.84 -25.68 23.09
CA LYS A 96 -13.28 -26.00 21.76
C LYS A 96 -13.47 -24.71 20.98
N ILE A 97 -13.47 -24.84 19.65
CA ILE A 97 -13.77 -23.73 18.74
C ILE A 97 -15.26 -23.83 18.56
N ILE A 98 -15.94 -22.72 18.53
CA ILE A 98 -17.37 -22.66 18.23
C ILE A 98 -17.72 -22.08 16.82
N LEU A 99 -16.86 -21.19 16.33
CA LEU A 99 -17.15 -20.43 15.09
C LEU A 99 -15.80 -20.29 14.41
N GLY A 100 -15.73 -20.50 13.10
CA GLY A 100 -14.49 -20.23 12.37
C GLY A 100 -13.39 -21.31 12.48
N PRO A 101 -12.13 -20.96 12.23
CA PRO A 101 -11.64 -19.60 11.84
C PRO A 101 -12.30 -19.01 10.57
N LYS A 102 -12.75 -17.76 10.70
CA LYS A 102 -13.32 -16.99 9.59
C LYS A 102 -12.73 -15.58 9.49
N LYS A 103 -12.68 -15.05 8.28
CA LYS A 103 -12.19 -13.71 8.03
C LYS A 103 -13.05 -12.73 8.86
N ILE A 104 -12.42 -11.73 9.45
CA ILE A 104 -13.11 -10.72 10.22
C ILE A 104 -14.28 -10.12 9.43
N ALA A 105 -14.00 -9.66 8.20
CA ALA A 105 -15.00 -9.05 7.30
C ALA A 105 -16.23 -9.97 7.05
N ASP A 106 -16.06 -11.26 7.22
CA ASP A 106 -17.13 -12.17 6.98
C ASP A 106 -17.92 -12.53 8.27
N VAL A 107 -17.26 -12.58 9.44
CA VAL A 107 -18.04 -12.79 10.69
C VAL A 107 -18.70 -11.48 11.09
N PHE A 108 -17.96 -10.40 10.86
CA PHE A 108 -18.45 -9.06 11.11
C PHE A 108 -18.55 -8.26 9.83
N PRO A 109 -19.63 -8.47 9.00
CA PRO A 109 -19.65 -7.82 7.69
C PRO A 109 -19.45 -6.28 7.72
N PHE A 110 -20.07 -5.62 8.72
CA PHE A 110 -20.00 -4.15 8.83
C PHE A 110 -18.56 -3.62 8.88
N PHE A 111 -17.56 -4.53 8.95
CA PHE A 111 -16.17 -4.16 9.04
C PHE A 111 -15.51 -4.18 7.71
N GLU A 112 -16.13 -4.83 6.76
CA GLU A 112 -15.62 -4.88 5.43
C GLU A 112 -15.33 -3.48 4.93
N GLY A 113 -14.20 -3.36 4.22
CA GLY A 113 -13.71 -2.07 3.71
C GLY A 113 -13.41 -0.99 4.78
N THR A 114 -13.12 -1.38 6.03
CA THR A 114 -12.74 -0.45 7.07
C THR A 114 -11.35 -0.88 7.52
N VAL A 115 -10.74 -0.10 8.42
CA VAL A 115 -9.44 -0.42 8.98
C VAL A 115 -9.40 -1.73 9.80
N PHE A 116 -10.56 -2.21 10.24
CA PHE A 116 -10.64 -3.44 11.03
C PHE A 116 -10.66 -4.68 10.17
N GLU A 117 -10.89 -4.53 8.87
CA GLU A 117 -10.99 -5.71 8.02
C GLU A 117 -9.76 -6.60 8.11
N SER A 118 -8.60 -5.95 8.03
CA SER A 118 -7.27 -6.60 7.99
C SER A 118 -6.73 -6.92 9.41
N GLY A 119 -7.48 -6.50 10.42
CA GLY A 119 -7.06 -6.71 11.80
C GLY A 119 -7.45 -5.69 12.86
N ILE A 120 -7.45 -6.15 14.10
CA ILE A 120 -7.88 -5.34 15.22
C ILE A 120 -6.79 -5.33 16.28
N ASP A 121 -6.53 -4.17 16.86
CA ASP A 121 -5.49 -4.03 17.90
C ASP A 121 -5.99 -4.53 19.28
N ALA A 122 -7.12 -4.00 19.71
CA ALA A 122 -7.59 -4.30 21.03
C ALA A 122 -9.12 -4.21 21.12
N ALA A 123 -9.69 -4.69 22.24
CA ALA A 123 -11.13 -4.78 22.44
C ALA A 123 -11.43 -5.11 23.87
N TYR A 124 -12.61 -4.71 24.34
CA TYR A 124 -13.08 -5.04 25.68
C TYR A 124 -14.58 -5.07 25.66
N ARG A 125 -15.11 -5.87 26.59
CA ARG A 125 -16.53 -6.13 26.82
C ARG A 125 -17.21 -5.00 27.58
N SER A 126 -18.20 -4.36 27.01
CA SER A 126 -18.95 -3.35 27.77
C SER A 126 -19.80 -4.06 28.84
N THR A 127 -20.15 -3.36 29.92
CA THR A 127 -20.97 -3.93 30.97
C THR A 127 -22.40 -3.89 30.40
N ARG A 128 -22.53 -3.09 29.36
CA ARG A 128 -23.84 -2.80 28.81
C ARG A 128 -24.32 -3.74 27.71
N GLY A 129 -25.45 -4.43 27.95
CA GLY A 129 -26.03 -5.41 27.01
C GLY A 129 -24.98 -6.33 26.41
N LYS A 130 -25.00 -6.44 25.09
CA LYS A 130 -23.97 -7.24 24.37
C LYS A 130 -22.97 -6.35 23.60
N GLU A 131 -22.76 -5.15 24.13
CA GLU A 131 -21.88 -4.17 23.48
C GLU A 131 -20.36 -4.39 23.72
N VAL A 132 -19.55 -4.02 22.73
CA VAL A 132 -18.08 -4.27 22.69
C VAL A 132 -17.43 -3.03 22.04
N TYR A 133 -16.28 -2.62 22.56
CA TYR A 133 -15.45 -1.59 21.92
C TYR A 133 -14.23 -2.20 21.35
N LEU A 134 -13.96 -1.88 20.10
CA LEU A 134 -12.80 -2.40 19.42
C LEU A 134 -11.90 -1.25 18.91
N PHE A 135 -10.58 -1.45 18.89
CA PHE A 135 -9.60 -0.43 18.53
C PHE A 135 -8.69 -0.88 17.42
N LYS A 136 -8.44 0.01 16.45
CA LYS A 136 -7.50 -0.23 15.36
C LYS A 136 -6.80 1.09 15.10
N GLY A 137 -5.49 1.13 15.32
CA GLY A 137 -4.80 2.39 15.26
C GLY A 137 -5.51 3.34 16.20
N ASP A 138 -5.79 4.56 15.71
CA ASP A 138 -6.37 5.62 16.54
C ASP A 138 -7.87 5.73 16.42
N GLN A 139 -8.43 4.73 15.73
CA GLN A 139 -9.86 4.58 15.48
C GLN A 139 -10.46 3.56 16.44
N TYR A 140 -11.72 3.69 16.77
CA TYR A 140 -12.41 2.66 17.57
C TYR A 140 -13.86 2.46 17.15
N ALA A 141 -14.32 1.22 17.30
CA ALA A 141 -15.69 0.86 16.95
C ALA A 141 -16.36 0.38 18.21
N ARG A 142 -17.66 0.67 18.33
CA ARG A 142 -18.55 0.16 19.39
C ARG A 142 -19.59 -0.72 18.68
N ILE A 143 -19.61 -2.03 19.02
CA ILE A 143 -20.55 -2.96 18.37
C ILE A 143 -21.56 -3.64 19.32
N ASP A 144 -22.53 -4.37 18.75
CA ASP A 144 -23.45 -5.21 19.53
C ASP A 144 -23.38 -6.62 18.90
N TYR A 145 -22.74 -7.57 19.58
CA TYR A 145 -22.60 -8.89 18.99
C TYR A 145 -23.85 -9.75 18.95
N GLY A 146 -24.96 -9.31 19.56
CA GLY A 146 -26.22 -10.02 19.42
C GLY A 146 -26.89 -9.63 18.12
N SER A 147 -26.92 -8.33 17.84
CA SER A 147 -27.47 -7.80 16.58
C SER A 147 -26.42 -7.85 15.49
N ASN A 148 -25.16 -7.98 15.91
CA ASN A 148 -24.03 -8.06 14.99
C ASN A 148 -24.06 -6.79 14.15
N SER A 149 -23.95 -5.64 14.82
CA SER A 149 -24.03 -4.35 14.17
C SER A 149 -23.17 -3.34 14.95
N MET A 150 -23.01 -2.16 14.33
CA MET A 150 -22.33 -1.03 14.90
C MET A 150 -23.29 -0.18 15.71
N VAL A 151 -23.01 0.04 17.01
CA VAL A 151 -23.95 0.82 17.79
C VAL A 151 -23.85 2.31 17.40
N ASN A 152 -22.69 2.92 17.66
CA ASN A 152 -22.39 4.23 17.06
C ASN A 152 -22.34 3.80 15.63
N LYS A 153 -23.23 4.31 14.80
CA LYS A 153 -23.21 3.93 13.38
C LYS A 153 -21.95 4.45 12.65
N GLU A 154 -21.13 5.20 13.39
CA GLU A 154 -19.89 5.75 12.84
C GLU A 154 -18.60 5.37 13.59
N ILE A 155 -17.56 4.99 12.84
CA ILE A 155 -16.21 4.77 13.41
C ILE A 155 -15.57 6.12 13.69
N LYS A 156 -15.24 6.35 14.95
CA LYS A 156 -14.69 7.64 15.37
C LYS A 156 -13.30 7.48 15.97
N SER A 157 -12.59 8.60 16.06
CA SER A 157 -11.22 8.61 16.59
C SER A 157 -11.31 8.34 18.09
N ILE A 158 -10.24 7.81 18.67
CA ILE A 158 -10.21 7.55 20.12
C ILE A 158 -10.36 8.81 20.95
N SER A 159 -9.72 9.91 20.56
CA SER A 159 -9.84 11.12 21.43
C SER A 159 -11.28 11.66 21.47
N SER A 160 -12.00 11.57 20.35
CA SER A 160 -13.43 11.93 20.32
C SER A 160 -14.24 11.12 21.36
N GLY A 161 -13.77 9.92 21.72
CA GLY A 161 -14.56 9.01 22.53
C GLY A 161 -13.98 8.82 23.89
N TYR A 162 -12.66 8.96 24.04
CA TYR A 162 -11.95 8.79 25.33
C TYR A 162 -11.12 10.04 25.68
N PRO A 163 -11.79 11.11 26.17
CA PRO A 163 -11.04 12.34 26.50
C PRO A 163 -9.88 12.09 27.50
N CYS A 164 -10.07 11.09 28.34
CA CYS A 164 -9.06 10.77 29.33
C CYS A 164 -7.75 10.32 28.67
N PHE A 165 -7.83 9.96 27.37
CA PHE A 165 -6.66 9.47 26.60
C PHE A 165 -5.92 10.58 25.84
N ARG A 166 -6.50 11.77 25.77
CA ARG A 166 -5.87 12.91 25.09
C ARG A 166 -4.49 13.24 25.66
N ASN A 167 -3.50 13.48 24.80
CA ASN A 167 -2.14 13.81 25.27
C ASN A 167 -1.49 12.69 26.08
N THR A 168 -1.88 11.46 25.77
CA THR A 168 -1.34 10.24 26.38
C THR A 168 -1.01 9.34 25.19
N ILE A 169 -0.26 8.28 25.44
CA ILE A 169 0.13 7.28 24.48
C ILE A 169 -1.03 6.51 23.91
N PHE A 170 -2.11 6.47 24.64
CA PHE A 170 -3.33 5.74 24.23
C PHE A 170 -4.15 6.48 23.15
N GLU A 171 -3.95 7.80 23.06
CA GLU A 171 -4.60 8.67 22.04
C GLU A 171 -4.47 8.13 20.60
N SER A 172 -3.33 7.46 20.33
CA SER A 172 -3.03 6.85 19.07
C SER A 172 -3.18 5.33 18.99
N GLY A 173 -3.82 4.70 19.97
CA GLY A 173 -4.00 3.26 19.92
C GLY A 173 -3.55 2.43 21.12
N ALA A 174 -3.93 1.17 21.13
CA ALA A 174 -3.55 0.26 22.20
C ALA A 174 -3.04 -1.11 21.72
N ASP A 175 -2.15 -1.69 22.50
CA ASP A 175 -1.62 -3.02 22.24
C ASP A 175 -2.72 -4.10 22.54
N ALA A 176 -3.37 -3.95 23.69
CA ALA A 176 -4.38 -4.88 24.17
C ALA A 176 -5.28 -4.18 25.22
N ALA A 177 -6.34 -4.88 25.62
CA ALA A 177 -7.25 -4.38 26.63
C ALA A 177 -8.14 -5.48 27.17
N PHE A 178 -8.85 -5.19 28.27
CA PHE A 178 -9.89 -6.06 28.83
C PHE A 178 -10.64 -5.32 29.96
N ALA A 179 -11.96 -5.53 30.03
CA ALA A 179 -12.86 -5.09 31.10
C ALA A 179 -12.61 -5.89 32.40
N SER A 180 -12.40 -5.17 33.51
CA SER A 180 -12.24 -5.73 34.81
C SER A 180 -13.53 -6.34 35.38
N HIS A 181 -13.32 -7.20 36.40
CA HIS A 181 -14.39 -7.77 37.17
C HIS A 181 -14.98 -6.64 38.03
N LYS A 182 -14.17 -5.59 38.16
CA LYS A 182 -14.54 -4.35 38.85
C LYS A 182 -15.45 -3.52 37.91
N THR A 183 -16.72 -3.33 38.30
CA THR A 183 -17.72 -2.75 37.43
C THR A 183 -17.29 -1.46 36.74
N ASN A 184 -17.30 -1.48 35.41
CA ASN A 184 -16.93 -0.33 34.58
C ASN A 184 -15.48 0.16 34.67
N GLU A 185 -14.56 -0.76 34.99
CA GLU A 185 -13.17 -0.42 34.97
C GLU A 185 -12.51 -1.23 33.85
N VAL A 186 -11.57 -0.60 33.14
CA VAL A 186 -11.00 -1.19 31.93
C VAL A 186 -9.52 -1.00 31.99
N TYR A 187 -8.79 -1.99 31.49
CA TYR A 187 -7.36 -1.95 31.42
C TYR A 187 -6.96 -1.85 29.99
N PHE A 188 -6.03 -0.94 29.69
CA PHE A 188 -5.45 -0.72 28.34
C PHE A 188 -3.98 -0.92 28.48
N PHE A 189 -3.40 -1.66 27.55
CA PHE A 189 -1.94 -1.88 27.57
C PHE A 189 -1.33 -1.31 26.30
N LYS A 190 -0.07 -0.93 26.43
CA LYS A 190 0.69 -0.37 25.34
C LYS A 190 2.12 -0.41 25.79
N ASP A 191 2.91 -1.19 25.08
CA ASP A 191 4.33 -1.43 25.45
C ASP A 191 4.39 -1.91 26.90
N ASP A 192 5.26 -1.29 27.70
CA ASP A 192 5.47 -1.62 29.13
C ASP A 192 4.56 -0.83 30.05
N HIS A 193 3.57 -0.15 29.48
CA HIS A 193 2.63 0.72 30.17
C HIS A 193 1.20 0.23 30.15
N TYR A 194 0.44 0.68 31.13
CA TYR A 194 -0.97 0.27 31.24
C TYR A 194 -1.71 1.53 31.74
N ALA A 195 -3.00 1.57 31.49
CA ALA A 195 -3.85 2.64 31.99
C ALA A 195 -5.07 1.87 32.57
N ARG A 196 -5.38 2.14 33.83
CA ARG A 196 -6.56 1.61 34.48
C ARG A 196 -7.59 2.71 34.36
N VAL A 197 -8.60 2.49 33.53
CA VAL A 197 -9.61 3.55 33.26
C VAL A 197 -10.96 3.24 33.88
N LYS A 198 -11.72 4.28 34.24
CA LYS A 198 -13.11 4.16 34.71
C LYS A 198 -13.97 4.77 33.63
N VAL A 199 -14.84 3.95 33.02
CA VAL A 199 -15.69 4.40 31.95
C VAL A 199 -17.14 4.43 32.42
N THR A 200 -18.02 4.86 31.53
CA THR A 200 -19.42 5.17 31.87
C THR A 200 -20.00 5.34 30.42
N PRO A 201 -21.07 4.57 30.01
CA PRO A 201 -21.52 4.85 28.58
C PRO A 201 -21.98 6.31 28.20
N UNK A 202 -21.64 7.30 29.05
CA UNK A 202 -21.95 8.70 28.74
C UNK A 202 -20.72 9.52 28.36
N UNK A 203 -19.98 9.02 27.36
CA UNK A 203 -18.72 9.66 26.87
C UNK A 203 -17.54 10.16 27.76
N LYS A 204 -17.78 10.71 28.95
CA LYS A 204 -16.67 11.46 29.60
C LYS A 204 -16.21 10.90 30.95
N LEU A 205 -14.94 10.40 31.02
CA LEU A 205 -14.39 10.09 32.36
C LEU A 205 -12.84 10.01 32.61
N UNK A 206 -12.35 9.00 33.36
CA UNK A 206 -11.00 9.18 33.99
C UNK A 206 -10.02 8.01 33.99
N ILE A 207 -8.73 8.34 33.85
CA ILE A 207 -7.63 7.41 34.09
C ILE A 207 -7.38 7.46 35.59
N MET A 208 -7.33 6.27 36.20
CA MET A 208 -7.03 6.18 37.62
C MET A 208 -5.52 6.13 37.93
N ASP A 209 -4.96 7.30 38.37
CA ASP A 209 -3.61 7.46 38.82
C ASP A 209 -2.54 7.59 37.75
N GLY A 210 -2.97 7.96 36.56
CA GLY A 210 -2.08 8.14 35.41
C GLY A 210 -1.59 6.84 34.79
N VAL A 211 -0.74 6.97 33.77
CA VAL A 211 -0.12 5.85 33.06
C VAL A 211 1.09 5.29 33.77
N ARG A 212 1.04 4.01 34.13
CA ARG A 212 2.16 3.42 34.84
C ARG A 212 2.70 2.21 34.15
N GLU A 213 3.66 1.57 34.80
CA GLU A 213 4.31 0.38 34.29
C GLU A 213 3.64 -0.85 34.78
N ILE A 214 3.39 -1.76 33.81
CA ILE A 214 2.72 -3.04 34.00
C ILE A 214 3.27 -3.86 35.22
N VAL A 215 4.60 -4.02 35.27
CA VAL A 215 5.32 -4.83 36.28
C VAL A 215 5.45 -4.12 37.65
N ASP A 216 5.17 -2.83 37.70
CA ASP A 216 5.14 -2.04 38.94
C ASP A 216 3.83 -2.34 39.62
N TYR A 217 2.80 -2.47 38.79
CA TYR A 217 1.44 -2.71 39.21
C TYR A 217 1.16 -4.18 39.53
N TRP A 218 1.75 -5.07 38.73
CA TRP A 218 1.64 -6.51 38.94
C TRP A 218 3.01 -7.09 39.04
N PRO A 219 3.67 -6.98 40.21
CA PRO A 219 5.01 -7.51 40.39
C PRO A 219 5.20 -9.00 40.00
N SER A 220 4.16 -9.81 40.10
CA SER A 220 4.16 -11.22 39.61
C SER A 220 4.55 -11.36 38.12
N LEU A 221 4.50 -10.26 37.35
CA LEU A 221 4.86 -10.26 35.90
C LEU A 221 6.24 -9.69 35.66
N LYS A 222 7.02 -9.55 36.72
CA LYS A 222 8.27 -8.81 36.70
C LYS A 222 9.19 -9.28 35.58
N ASP A 223 9.43 -10.58 35.49
CA ASP A 223 10.33 -10.97 34.42
C ASP A 223 9.63 -11.86 33.42
N ILE A 224 8.33 -11.58 33.22
CA ILE A 224 7.53 -12.20 32.19
C ILE A 224 7.30 -11.15 31.16
N VAL A 225 7.44 -9.90 31.58
CA VAL A 225 7.20 -8.76 30.71
C VAL A 225 8.42 -7.83 30.68
N PRO A 226 9.06 -7.66 29.49
CA PRO A 226 8.77 -8.37 28.22
C PRO A 226 9.20 -9.86 28.18
N LEU A 227 8.60 -10.61 27.26
CA LEU A 227 8.86 -12.03 27.12
C LEU A 227 9.97 -12.26 26.11
N THR B 1 2.10 18.06 -26.95
CA THR B 1 1.03 17.13 -27.35
C THR B 1 -0.42 17.57 -27.02
N LYS B 2 -1.38 17.29 -27.89
CA LYS B 2 -2.78 17.72 -27.72
C LYS B 2 -3.64 16.82 -26.81
N PRO B 3 -4.71 17.37 -26.20
CA PRO B 3 -5.50 16.52 -25.33
C PRO B 3 -5.95 15.24 -26.04
N GLY B 4 -5.89 14.13 -25.29
CA GLY B 4 -6.35 12.87 -25.80
C GLY B 4 -5.38 12.09 -26.63
N TYR B 5 -4.22 12.66 -26.85
CA TYR B 5 -3.20 11.97 -27.70
C TYR B 5 -2.12 11.32 -26.83
N ILE B 6 -1.44 10.32 -27.38
CA ILE B 6 -0.38 9.64 -26.67
C ILE B 6 0.75 10.64 -26.29
N ASN B 7 0.92 10.80 -24.99
CA ASN B 7 1.86 11.72 -24.41
C ASN B 7 3.15 11.04 -24.01
N ALA B 8 3.15 9.73 -23.78
CA ALA B 8 4.36 8.96 -23.39
C ALA B 8 4.17 7.45 -23.64
N ALA B 9 5.29 6.69 -23.70
CA ALA B 9 5.27 5.27 -23.88
C ALA B 9 6.64 4.69 -23.49
N PHE B 10 6.63 3.43 -23.06
CA PHE B 10 7.82 2.68 -22.75
C PHE B 10 7.51 1.22 -23.00
N ARG B 11 8.54 0.51 -23.39
CA ARG B 11 8.47 -0.93 -23.59
C ARG B 11 8.49 -1.80 -22.33
N SER B 12 7.56 -2.76 -22.29
CA SER B 12 7.40 -3.62 -21.14
C SER B 12 8.46 -4.73 -21.17
N SER B 13 8.89 -5.18 -20.00
CA SER B 13 9.74 -6.39 -19.92
C SER B 13 8.99 -7.62 -20.41
N LYS B 14 7.65 -7.55 -20.40
CA LYS B 14 6.80 -8.62 -20.92
C LYS B 14 6.70 -8.53 -22.44
N ASN B 15 6.94 -9.64 -23.14
CA ASN B 15 6.95 -9.62 -24.58
C ASN B 15 5.79 -8.92 -25.23
N ASN B 16 6.14 -8.06 -26.21
CA ASN B 16 5.19 -7.44 -27.18
C ASN B 16 4.12 -6.62 -26.49
N GLU B 17 4.45 -6.16 -25.27
CA GLU B 17 3.61 -5.25 -24.47
C GLU B 17 4.26 -3.83 -24.24
N ALA B 18 3.42 -2.79 -24.31
CA ALA B 18 3.89 -1.41 -24.20
C ALA B 18 2.86 -0.65 -23.33
N TYR B 19 3.33 0.34 -22.54
CA TYR B 19 2.44 1.27 -21.84
C TYR B 19 2.35 2.64 -22.57
N PHE B 20 1.13 3.12 -22.81
CA PHE B 20 0.94 4.39 -23.47
C PHE B 20 0.27 5.27 -22.46
N PHE B 21 0.74 6.52 -22.35
CA PHE B 21 0.18 7.51 -21.45
C PHE B 21 -0.51 8.60 -22.18
N ILE B 22 -1.80 8.72 -21.86
CA ILE B 22 -2.74 9.63 -22.50
C ILE B 22 -3.40 10.48 -21.44
N ASN B 23 -3.34 11.80 -21.61
CA ASN B 23 -3.80 12.71 -20.59
C ASN B 23 -3.27 12.27 -19.22
N ASP B 24 -4.13 11.94 -18.28
CA ASP B 24 -3.65 11.45 -17.00
C ASP B 24 -3.89 9.94 -16.80
N LYS B 25 -4.02 9.22 -17.93
CA LYS B 25 -4.31 7.81 -17.88
C LYS B 25 -3.33 7.03 -18.70
N TYR B 26 -3.57 5.75 -18.83
CA TYR B 26 -2.71 4.94 -19.64
C TYR B 26 -3.49 3.70 -20.13
N VAL B 27 -3.01 3.14 -21.23
CA VAL B 27 -3.50 1.87 -21.75
C VAL B 27 -2.29 0.94 -21.79
N LEU B 28 -2.52 -0.31 -21.44
CA LEU B 28 -1.51 -1.36 -21.61
C LEU B 28 -1.83 -2.12 -22.93
N LEU B 29 -0.88 -2.11 -23.87
CA LEU B 29 -1.14 -2.66 -25.20
C LEU B 29 -0.22 -3.84 -25.60
N ASP B 30 -0.88 -4.92 -26.06
CA ASP B 30 -0.24 -6.00 -26.77
C ASP B 30 -0.21 -5.44 -28.16
N TYR B 31 0.89 -4.76 -28.52
CA TYR B 31 1.00 -4.13 -29.82
C TYR B 31 1.42 -5.09 -30.92
N ALA B 32 1.60 -6.36 -30.56
CA ALA B 32 1.97 -7.41 -31.51
C ALA B 32 2.67 -6.91 -32.76
N PRO B 33 3.98 -6.56 -32.66
CA PRO B 33 4.75 -6.08 -33.81
C PRO B 33 5.09 -7.15 -34.83
N GLY B 34 4.93 -6.86 -36.12
CA GLY B 34 5.17 -7.81 -37.20
C GLY B 34 3.98 -8.71 -37.50
N SER B 35 2.89 -8.51 -36.77
CA SER B 35 1.66 -9.23 -37.01
C SER B 35 0.48 -8.28 -36.80
N SER B 36 -0.76 -8.78 -36.84
CA SER B 36 -1.90 -7.90 -36.69
C SER B 36 -2.87 -8.27 -35.58
N ARG B 37 -2.38 -8.99 -34.58
CA ARG B 37 -3.16 -9.54 -33.48
C ARG B 37 -3.16 -8.56 -32.24
N ASP B 38 -3.05 -7.24 -32.51
CA ASP B 38 -3.03 -6.18 -31.48
C ASP B 38 -4.29 -6.18 -30.65
N LYS B 39 -4.12 -6.13 -29.32
CA LYS B 39 -5.25 -6.09 -28.40
C LYS B 39 -4.92 -5.23 -27.16
N VAL B 40 -5.91 -4.48 -26.69
CA VAL B 40 -5.80 -3.72 -25.46
C VAL B 40 -5.92 -4.62 -24.23
N LEU B 41 -4.86 -4.66 -23.43
CA LEU B 41 -4.81 -5.50 -22.23
C LEU B 41 -5.40 -4.86 -20.99
N TYR B 42 -5.42 -3.54 -20.96
CA TYR B 42 -5.92 -2.81 -19.80
C TYR B 42 -5.98 -1.37 -20.15
N GLY B 43 -7.03 -0.72 -19.68
CA GLY B 43 -7.25 0.69 -19.80
C GLY B 43 -8.27 1.00 -20.88
N PRO B 44 -8.53 2.31 -21.17
CA PRO B 44 -7.95 3.48 -20.46
C PRO B 44 -8.24 3.52 -18.94
N THR B 45 -7.17 3.64 -18.12
CA THR B 45 -7.36 3.69 -16.68
C THR B 45 -6.60 4.89 -16.10
N PRO B 46 -7.16 5.58 -15.07
CA PRO B 46 -6.32 6.64 -14.49
C PRO B 46 -5.02 6.08 -13.99
N VAL B 47 -3.94 6.85 -14.16
CA VAL B 47 -2.62 6.46 -13.66
C VAL B 47 -2.66 6.24 -12.13
N ARG B 48 -3.45 7.05 -11.43
CA ARG B 48 -3.54 6.97 -9.98
C ARG B 48 -4.25 5.68 -9.48
N ASP B 49 -5.03 5.04 -10.34
CA ASP B 49 -5.75 3.79 -10.01
C ASP B 49 -4.93 2.55 -10.42
N GLY B 50 -4.31 2.63 -11.59
CA GLY B 50 -3.50 1.57 -12.13
C GLY B 50 -2.20 1.36 -11.40
N PHE B 51 -1.54 2.45 -11.06
CA PHE B 51 -0.25 2.46 -10.40
C PHE B 51 -0.43 3.16 -9.04
N LYS B 52 -0.63 2.40 -7.97
CA LYS B 52 -0.93 3.07 -6.66
C LYS B 52 0.24 3.76 -5.98
N SER B 53 1.48 3.32 -6.22
CA SER B 53 2.61 4.07 -5.72
C SER B 53 2.62 5.53 -6.22
N LEU B 54 1.88 5.79 -7.31
CA LEU B 54 1.82 7.08 -8.00
C LEU B 54 0.58 7.88 -7.64
N ASN B 55 -0.41 7.21 -7.11
CA ASN B 55 -1.66 7.84 -6.73
C ASN B 55 -1.54 9.27 -6.12
N GLN B 56 -0.95 9.38 -4.92
CA GLN B 56 -0.83 10.68 -4.29
C GLN B 56 0.52 11.35 -4.56
N THR B 57 0.83 11.48 -5.83
CA THR B 57 2.05 12.19 -6.36
C THR B 57 1.62 13.03 -7.56
N ILE B 58 2.52 13.87 -8.10
CA ILE B 58 2.24 14.72 -9.25
C ILE B 58 1.75 13.89 -10.46
N PHE B 59 2.21 12.65 -10.49
CA PHE B 59 1.91 11.66 -11.57
C PHE B 59 0.48 11.12 -11.38
N GLY B 60 0.03 11.01 -10.12
CA GLY B 60 -1.31 10.56 -9.92
C GLY B 60 -2.25 11.67 -10.29
N SER B 61 -1.89 12.91 -9.96
CA SER B 61 -2.71 14.09 -10.28
C SER B 61 -2.77 14.41 -11.79
N TYR B 62 -1.61 14.45 -12.41
CA TYR B 62 -1.50 14.91 -13.78
C TYR B 62 -1.22 13.91 -14.88
N GLY B 63 -0.70 12.73 -14.56
CA GLY B 63 -0.33 11.80 -15.60
C GLY B 63 1.16 11.91 -15.83
N ILE B 64 1.60 11.27 -16.92
CA ILE B 64 3.00 11.20 -17.35
C ILE B 64 3.16 11.74 -18.79
N ASP B 65 4.03 12.73 -18.97
CA ASP B 65 4.32 13.30 -20.32
C ASP B 65 5.58 12.79 -21.03
N CYS B 66 6.34 11.94 -20.39
CA CYS B 66 7.51 11.36 -21.08
C CYS B 66 7.97 10.16 -20.25
N SER B 67 8.58 9.17 -20.90
CA SER B 67 9.08 7.99 -20.21
C SER B 67 9.99 7.15 -21.09
N PHE B 68 10.78 6.28 -20.46
CA PHE B 68 11.64 5.29 -21.14
C PHE B 68 12.01 4.16 -20.16
N ASP B 69 11.84 2.92 -20.60
CA ASP B 69 12.25 1.76 -19.81
C ASP B 69 13.77 1.70 -19.72
N THR B 70 14.30 1.25 -18.61
CA THR B 70 15.72 1.18 -18.47
C THR B 70 16.15 -0.31 -18.56
N GLU B 71 15.93 -1.04 -17.46
CA GLU B 71 16.22 -2.46 -17.36
C GLU B 71 15.26 -3.14 -16.41
N ASN B 72 15.19 -4.47 -16.48
CA ASN B 72 14.30 -5.23 -15.58
C ASN B 72 12.86 -4.71 -15.68
N ASN B 73 12.25 -4.32 -14.55
CA ASN B 73 10.90 -3.82 -14.54
C ASN B 73 10.91 -2.34 -14.12
N GLU B 74 11.97 -1.64 -14.54
CA GLU B 74 12.14 -0.22 -14.25
C GLU B 74 11.98 0.69 -15.47
N ALA B 75 11.73 1.98 -15.18
CA ALA B 75 11.44 3.03 -16.19
C ALA B 75 11.46 4.36 -15.51
N PHE B 76 12.09 5.31 -16.17
CA PHE B 76 12.03 6.74 -15.78
C PHE B 76 10.79 7.35 -16.37
N ILE B 77 10.09 8.14 -15.57
CA ILE B 77 8.83 8.80 -15.96
C ILE B 77 8.97 10.29 -15.63
N PHE B 78 8.19 11.16 -16.32
CA PHE B 78 8.34 12.60 -16.21
C PHE B 78 6.95 13.26 -16.19
N TYR B 79 6.93 14.47 -15.65
CA TYR B 79 5.78 15.38 -15.69
C TYR B 79 6.37 16.77 -15.57
N GLU B 80 6.39 17.54 -16.65
CA GLU B 80 6.99 18.90 -16.57
C GLU B 80 8.43 18.77 -16.14
N ASN B 81 8.87 19.58 -15.15
CA ASN B 81 10.26 19.57 -14.69
C ASN B 81 10.64 18.50 -13.65
N PHE B 82 9.73 17.54 -13.44
CA PHE B 82 9.90 16.46 -12.44
C PHE B 82 10.00 15.09 -13.11
N CYS B 83 10.73 14.19 -12.44
CA CYS B 83 10.84 12.82 -12.87
C CYS B 83 11.10 11.87 -11.68
N ALA B 84 10.90 10.60 -11.94
CA ALA B 84 11.00 9.52 -10.93
C ALA B 84 11.53 8.26 -11.64
N LEU B 85 12.09 7.33 -10.89
CA LEU B 85 12.42 6.01 -11.38
C LEU B 85 11.40 5.10 -10.73
N ILE B 86 10.63 4.34 -11.50
CA ILE B 86 9.61 3.44 -10.93
C ILE B 86 9.81 1.95 -11.32
N ASP B 87 9.24 1.07 -10.51
CA ASP B 87 9.17 -0.33 -10.86
C ASP B 87 7.70 -0.53 -11.17
N TYR B 88 7.34 -0.65 -12.46
CA TYR B 88 5.95 -0.87 -12.82
C TYR B 88 5.45 -2.32 -12.61
N ALA B 89 6.32 -3.21 -12.09
CA ALA B 89 6.01 -4.58 -11.71
C ALA B 89 4.92 -5.25 -12.52
N PRO B 90 5.21 -5.58 -13.78
CA PRO B 90 4.16 -6.06 -14.67
C PRO B 90 3.47 -7.36 -14.29
N HIS B 91 4.13 -8.21 -13.47
CA HIS B 91 3.57 -9.50 -12.96
C HIS B 91 2.92 -9.35 -11.59
N SER B 92 3.70 -8.91 -10.57
CA SER B 92 3.16 -8.75 -9.21
C SER B 92 2.11 -7.65 -9.08
N LYS B 93 2.17 -6.62 -9.93
CA LYS B 93 1.31 -5.42 -9.81
C LYS B 93 1.68 -4.61 -8.56
N LYS B 94 2.86 -4.84 -7.97
CA LYS B 94 3.28 -4.04 -6.82
C LYS B 94 4.34 -3.00 -7.26
N ASP B 95 3.85 -2.01 -8.01
CA ASP B 95 4.63 -0.90 -8.47
C ASP B 95 5.07 -0.06 -7.27
N LYS B 96 6.22 0.58 -7.43
CA LYS B 96 6.77 1.43 -6.41
C LYS B 96 7.75 2.43 -7.01
N ILE B 97 7.92 3.57 -6.32
CA ILE B 97 8.90 4.57 -6.74
C ILE B 97 10.22 4.09 -6.20
N ILE B 98 11.24 4.04 -7.04
CA ILE B 98 12.60 3.76 -6.58
C ILE B 98 13.36 5.09 -6.31
N LEU B 99 12.88 6.20 -6.87
CA LEU B 99 13.71 7.41 -6.77
C LEU B 99 12.90 8.64 -7.18
N GLY B 100 13.13 9.75 -6.47
CA GLY B 100 12.33 10.93 -6.72
C GLY B 100 10.99 10.84 -6.00
N PRO B 101 9.99 11.65 -6.40
CA PRO B 101 9.98 12.65 -7.47
C PRO B 101 11.04 13.73 -7.34
N LYS B 102 11.80 13.90 -8.41
CA LYS B 102 12.84 14.94 -8.41
C LYS B 102 12.92 15.74 -9.70
N LYS B 103 13.55 16.89 -9.61
CA LYS B 103 13.74 17.73 -10.75
C LYS B 103 14.72 17.01 -11.69
N ILE B 104 14.47 17.22 -12.99
CA ILE B 104 15.24 16.63 -14.05
C ILE B 104 16.71 17.03 -13.90
N ALA B 105 16.96 18.30 -13.61
CA ALA B 105 18.34 18.86 -13.53
C ALA B 105 19.03 18.32 -12.30
N ASP B 106 18.24 17.69 -11.45
CA ASP B 106 18.70 17.12 -10.20
C ASP B 106 19.14 15.70 -10.45
N VAL B 107 18.27 14.95 -11.12
CA VAL B 107 18.51 13.55 -11.46
C VAL B 107 19.54 13.44 -12.60
N PHE B 108 19.44 14.35 -13.56
CA PHE B 108 20.38 14.43 -14.71
C PHE B 108 21.12 15.76 -14.78
N PRO B 109 22.23 15.91 -14.04
CA PRO B 109 22.82 17.25 -13.99
C PRO B 109 23.10 17.92 -15.30
N PHE B 110 23.60 17.15 -16.26
CA PHE B 110 23.97 17.67 -17.60
C PHE B 110 22.83 18.35 -18.36
N PHE B 111 21.62 18.30 -17.77
CA PHE B 111 20.40 18.89 -18.37
C PHE B 111 20.12 20.24 -17.83
N GLU B 112 20.78 20.58 -16.73
CA GLU B 112 20.53 21.86 -16.10
C GLU B 112 21.02 22.94 -17.08
N GLY B 113 20.17 23.94 -17.36
CA GLY B 113 20.57 25.01 -18.27
C GLY B 113 20.30 24.67 -19.76
N THR B 114 19.53 23.60 -20.00
CA THR B 114 19.24 23.16 -21.36
C THR B 114 17.74 23.21 -21.56
N VAL B 115 17.28 22.93 -22.78
CA VAL B 115 15.85 22.88 -23.11
C VAL B 115 15.09 21.75 -22.38
N PHE B 116 15.85 20.76 -21.92
CA PHE B 116 15.35 19.56 -21.24
C PHE B 116 15.07 19.81 -19.77
N GLU B 117 15.66 20.84 -19.19
CA GLU B 117 15.45 21.14 -17.77
C GLU B 117 13.97 21.34 -17.32
N SER B 118 13.18 22.06 -18.13
CA SER B 118 11.77 22.38 -17.84
C SER B 118 10.83 21.27 -18.36
N GLY B 119 11.41 20.23 -18.95
CA GLY B 119 10.58 19.20 -19.54
C GLY B 119 11.13 18.43 -20.72
N ILE B 120 10.54 17.24 -20.95
CA ILE B 120 10.91 16.38 -22.07
C ILE B 120 9.68 15.88 -22.78
N ASP B 121 9.75 15.87 -24.12
CA ASP B 121 8.67 15.42 -24.98
C ASP B 121 8.54 13.90 -25.02
N ALA B 122 9.65 13.24 -25.35
CA ALA B 122 9.66 11.82 -25.66
C ALA B 122 11.11 11.28 -25.49
N ALA B 123 11.22 9.96 -25.40
CA ALA B 123 12.53 9.27 -25.12
C ALA B 123 12.29 7.85 -25.54
N TYR B 124 13.36 7.17 -25.91
CA TYR B 124 13.25 5.78 -26.23
C TYR B 124 14.55 5.12 -25.81
N ARG B 125 14.44 3.86 -25.38
CA ARG B 125 15.56 3.08 -24.97
C ARG B 125 16.38 2.60 -26.18
N SER B 126 17.69 2.86 -26.17
CA SER B 126 18.60 2.33 -27.22
C SER B 126 18.84 0.88 -26.97
N THR B 127 19.06 0.11 -28.03
CA THR B 127 19.44 -1.31 -27.90
C THR B 127 20.86 -1.36 -27.34
N ARG B 128 21.56 -0.25 -27.50
CA ARG B 128 22.95 -0.25 -27.12
C ARG B 128 23.22 0.20 -25.68
N GLY B 129 24.07 -0.59 -24.99
CA GLY B 129 24.42 -0.44 -23.58
C GLY B 129 23.29 0.09 -22.75
N LYS B 130 23.56 1.13 -21.99
CA LYS B 130 22.49 1.80 -21.23
C LYS B 130 22.18 3.16 -21.84
N GLU B 131 22.15 3.21 -23.17
CA GLU B 131 21.93 4.47 -23.88
C GLU B 131 20.44 4.79 -24.09
N VAL B 132 20.13 6.09 -24.20
CA VAL B 132 18.79 6.64 -24.24
C VAL B 132 18.79 7.95 -25.08
N TYR B 133 17.81 8.04 -25.98
CA TYR B 133 17.54 9.24 -26.75
C TYR B 133 16.36 9.97 -26.18
N LEU B 134 16.51 11.29 -26.01
CA LEU B 134 15.43 12.13 -25.47
C LEU B 134 15.19 13.25 -26.45
N PHE B 135 13.92 13.71 -26.57
CA PHE B 135 13.56 14.75 -27.52
C PHE B 135 12.82 15.89 -26.85
N LYS B 136 13.17 17.12 -27.24
CA LYS B 136 12.53 18.33 -26.74
C LYS B 136 12.46 19.29 -27.92
N GLY B 137 11.24 19.60 -28.38
CA GLY B 137 11.13 20.41 -29.58
C GLY B 137 11.92 19.71 -30.64
N ASP B 138 12.59 20.46 -31.51
CA ASP B 138 13.36 19.88 -32.62
C ASP B 138 14.76 19.45 -32.24
N GLN B 139 15.01 19.38 -30.94
CA GLN B 139 16.33 19.04 -30.40
C GLN B 139 16.27 17.64 -29.82
N TYR B 140 17.41 16.96 -29.81
CA TYR B 140 17.48 15.65 -29.18
C TYR B 140 18.83 15.46 -28.43
N ALA B 141 18.80 14.57 -27.43
CA ALA B 141 19.93 14.26 -26.59
C ALA B 141 20.10 12.72 -26.58
N ARG B 142 21.34 12.27 -26.49
CA ARG B 142 21.70 10.85 -26.30
C ARG B 142 22.50 10.78 -24.97
N ILE B 143 21.96 10.05 -23.99
CA ILE B 143 22.59 9.87 -22.71
C ILE B 143 22.93 8.38 -22.44
N ASP B 144 23.75 8.16 -21.39
CA ASP B 144 24.02 6.84 -20.86
C ASP B 144 23.53 6.98 -19.42
N TYR B 145 22.61 6.13 -19.00
CA TYR B 145 22.12 6.31 -17.63
C TYR B 145 22.98 5.55 -16.63
N GLY B 146 23.90 4.69 -17.10
CA GLY B 146 24.87 3.99 -16.24
C GLY B 146 25.89 4.99 -15.71
N SER B 147 26.43 5.81 -16.60
CA SER B 147 27.40 6.85 -16.21
C SER B 147 26.74 8.21 -15.99
N ASN B 148 25.45 8.28 -16.32
CA ASN B 148 24.63 9.47 -16.16
C ASN B 148 25.16 10.64 -17.03
N SER B 149 25.98 10.33 -18.02
CA SER B 149 26.68 11.33 -18.85
C SER B 149 26.01 11.48 -20.21
N MET B 150 26.50 12.45 -20.99
CA MET B 150 26.03 12.66 -22.34
C MET B 150 26.94 11.94 -23.28
N VAL B 151 26.38 10.98 -24.02
CA VAL B 151 27.15 10.18 -24.97
C VAL B 151 27.57 11.10 -26.15
N ASN B 152 26.57 11.66 -26.82
CA ASN B 152 26.82 12.73 -27.79
C ASN B 152 27.11 13.94 -26.93
N LYS B 153 28.38 14.32 -26.78
CA LYS B 153 28.68 15.42 -25.85
C LYS B 153 27.94 16.75 -26.24
N GLU B 154 27.18 16.72 -27.35
CA GLU B 154 26.38 17.86 -27.77
C GLU B 154 24.89 17.59 -28.07
N ILE B 155 24.05 18.58 -27.88
CA ILE B 155 22.62 18.48 -28.20
C ILE B 155 22.45 18.97 -29.64
N LYS B 156 21.92 18.08 -30.49
CA LYS B 156 21.83 18.34 -31.91
C LYS B 156 20.38 18.39 -32.33
N SER B 157 20.13 18.89 -33.54
CA SER B 157 18.78 18.94 -34.06
C SER B 157 18.33 17.52 -34.42
N ILE B 158 17.02 17.27 -34.37
CA ILE B 158 16.49 15.98 -34.78
C ILE B 158 16.93 15.72 -36.22
N SER B 159 16.94 16.78 -37.02
CA SER B 159 17.27 16.72 -38.42
C SER B 159 18.66 16.14 -38.68
N SER B 160 19.65 16.73 -38.02
CA SER B 160 21.04 16.27 -38.13
C SER B 160 21.18 14.81 -37.69
N GLY B 161 20.18 14.25 -36.98
CA GLY B 161 20.30 12.93 -36.38
C GLY B 161 19.45 11.89 -37.03
N TYR B 162 18.30 12.31 -37.51
CA TYR B 162 17.36 11.40 -38.19
C TYR B 162 16.96 11.94 -39.57
N PRO B 163 17.79 11.65 -40.59
CA PRO B 163 17.56 12.07 -41.97
C PRO B 163 16.19 11.61 -42.43
N CYS B 164 15.77 10.44 -41.99
CA CYS B 164 14.45 9.89 -42.33
C CYS B 164 13.31 10.83 -41.96
N PHE B 165 13.53 11.73 -40.99
CA PHE B 165 12.48 12.63 -40.44
C PHE B 165 12.43 14.00 -41.18
N ARG B 166 13.43 14.27 -42.04
CA ARG B 166 13.45 15.45 -42.90
C ARG B 166 12.18 15.58 -43.71
N ASN B 167 11.63 16.80 -43.76
CA ASN B 167 10.34 17.06 -44.44
C ASN B 167 9.11 16.25 -44.04
N THR B 168 9.12 15.78 -42.80
CA THR B 168 8.01 15.07 -42.25
C THR B 168 7.64 15.85 -40.99
N ILE B 169 6.49 15.54 -40.41
CA ILE B 169 6.05 16.11 -39.15
C ILE B 169 6.98 15.89 -37.95
N PHE B 170 7.89 14.93 -38.05
CA PHE B 170 8.78 14.55 -36.93
C PHE B 170 10.05 15.38 -36.87
N GLU B 171 10.35 16.11 -37.96
CA GLU B 171 11.52 17.01 -38.01
C GLU B 171 11.51 18.08 -36.89
N SER B 172 10.29 18.52 -36.49
CA SER B 172 10.11 19.48 -35.41
C SER B 172 9.87 18.87 -34.03
N GLY B 173 9.91 17.53 -33.91
CA GLY B 173 9.64 16.87 -32.63
C GLY B 173 8.59 15.75 -32.60
N ALA B 174 8.46 15.14 -31.43
CA ALA B 174 7.50 14.06 -31.24
C ALA B 174 6.77 14.18 -29.90
N ASP B 175 5.53 13.73 -29.91
CA ASP B 175 4.76 13.64 -28.68
C ASP B 175 5.31 12.50 -27.78
N ALA B 176 5.34 11.28 -28.26
CA ALA B 176 5.87 10.14 -27.48
C ALA B 176 6.74 9.22 -28.39
N ALA B 177 7.30 8.15 -27.79
CA ALA B 177 8.10 7.16 -28.49
C ALA B 177 8.38 6.00 -27.59
N PHE B 178 8.72 4.85 -28.17
CA PHE B 178 9.24 3.67 -27.42
C PHE B 178 9.96 2.73 -28.36
N ALA B 179 11.03 2.10 -27.88
CA ALA B 179 11.73 1.09 -28.65
C ALA B 179 10.89 -0.18 -28.68
N SER B 180 10.57 -0.68 -29.88
CA SER B 180 9.94 -1.98 -30.08
C SER B 180 10.78 -3.17 -29.50
N HIS B 181 10.06 -4.27 -29.16
CA HIS B 181 10.69 -5.59 -28.90
C HIS B 181 11.33 -6.08 -30.20
N LYS B 182 10.87 -5.54 -31.32
CA LYS B 182 11.46 -5.85 -32.64
C LYS B 182 12.77 -5.03 -32.71
N THR B 183 13.88 -5.74 -32.57
CA THR B 183 15.21 -5.15 -32.48
C THR B 183 15.51 -3.92 -33.37
N ASN B 184 15.83 -2.80 -32.72
CA ASN B 184 16.24 -1.54 -33.39
C ASN B 184 15.06 -0.90 -34.18
N GLU B 185 13.84 -1.28 -33.85
CA GLU B 185 12.67 -0.64 -34.43
C GLU B 185 12.13 0.28 -33.37
N VAL B 186 11.72 1.49 -33.77
CA VAL B 186 11.32 2.49 -32.81
C VAL B 186 10.02 3.06 -33.26
N TYR B 187 9.17 3.46 -32.33
CA TYR B 187 7.89 4.10 -32.69
C TYR B 187 7.89 5.53 -32.17
N PHE B 188 7.51 6.46 -33.05
CA PHE B 188 7.41 7.88 -32.75
C PHE B 188 5.95 8.23 -33.01
N PHE B 189 5.28 8.86 -32.04
CA PHE B 189 3.88 9.37 -32.20
C PHE B 189 3.84 10.90 -32.26
N LYS B 190 2.80 11.43 -32.91
CA LYS B 190 2.58 12.87 -33.03
C LYS B 190 1.16 13.04 -33.49
N ASP B 191 0.31 13.59 -32.63
CA ASP B 191 -1.13 13.70 -32.93
C ASP B 191 -1.68 12.30 -33.21
N ASP B 192 -2.40 12.17 -34.32
CA ASP B 192 -3.05 10.93 -34.77
C ASP B 192 -2.11 10.10 -35.66
N HIS B 193 -0.85 10.53 -35.72
CA HIS B 193 0.14 9.96 -36.63
C HIS B 193 1.16 9.15 -35.91
N TYR B 194 1.76 8.23 -36.61
CA TYR B 194 2.82 7.44 -35.99
C TYR B 194 3.84 7.18 -37.09
N ALA B 195 5.09 6.94 -36.67
CA ALA B 195 6.12 6.49 -37.61
C ALA B 195 6.88 5.32 -37.00
N ARG B 196 6.96 4.25 -37.79
CA ARG B 196 7.72 3.06 -37.42
C ARG B 196 9.09 3.13 -38.11
N VAL B 197 10.11 3.45 -37.32
CA VAL B 197 11.44 3.69 -37.80
C VAL B 197 12.37 2.52 -37.48
N LYS B 198 13.26 2.22 -38.39
CA LYS B 198 14.31 1.24 -38.15
C LYS B 198 15.49 2.12 -37.92
N VAL B 199 16.08 1.99 -36.75
CA VAL B 199 17.23 2.82 -36.39
C VAL B 199 18.46 1.94 -36.44
N THR B 200 19.62 2.57 -36.50
CA THR B 200 20.88 1.84 -36.41
C THR B 200 21.69 2.77 -35.49
N PRO B 201 22.11 2.26 -34.29
CA PRO B 201 22.87 3.22 -33.41
C PRO B 201 24.01 4.00 -34.17
N UNK B 202 24.02 5.35 -33.91
CA UNK B 202 24.82 6.40 -34.65
C UNK B 202 24.62 6.50 -36.18
N UNK B 203 23.57 7.14 -36.72
CA UNK B 203 23.71 7.43 -38.17
C UNK B 203 22.62 7.71 -39.18
N LYS B 204 22.18 6.64 -39.86
CA LYS B 204 21.29 6.73 -41.02
C LYS B 204 20.05 5.79 -40.84
N LEU B 205 18.83 6.34 -41.03
CA LEU B 205 17.62 5.58 -40.65
C LEU B 205 16.46 5.59 -41.68
N UNK B 206 15.53 4.63 -41.57
CA UNK B 206 14.47 4.55 -42.56
C UNK B 206 13.07 4.38 -41.93
N ILE B 207 12.06 5.12 -42.47
CA ILE B 207 10.63 5.01 -42.04
C ILE B 207 9.91 3.89 -42.79
N MET B 208 9.57 2.84 -42.04
CA MET B 208 8.80 1.68 -42.52
C MET B 208 7.45 2.13 -43.06
N ASP B 209 7.33 2.24 -44.41
CA ASP B 209 6.06 2.54 -45.11
C ASP B 209 5.45 3.94 -44.89
N GLY B 210 6.29 4.94 -44.62
CA GLY B 210 5.81 6.27 -44.43
C GLY B 210 5.07 6.52 -43.13
N VAL B 211 4.61 7.76 -42.95
CA VAL B 211 3.88 8.21 -41.75
C VAL B 211 2.40 7.88 -41.89
N ARG B 212 1.81 7.21 -40.88
CA ARG B 212 0.42 6.75 -41.00
C ARG B 212 -0.37 7.02 -39.74
N GLU B 213 -1.59 6.53 -39.71
CA GLU B 213 -2.49 6.75 -38.57
C GLU B 213 -2.47 5.63 -37.60
N ILE B 214 -2.21 6.01 -36.32
CA ILE B 214 -2.18 5.13 -35.18
C ILE B 214 -3.36 4.11 -35.19
N VAL B 215 -4.61 4.56 -35.37
CA VAL B 215 -5.78 3.66 -35.30
C VAL B 215 -5.99 2.76 -36.53
N ASP B 216 -5.33 3.07 -37.64
CA ASP B 216 -5.34 2.24 -38.82
C ASP B 216 -4.35 1.12 -38.60
N TYR B 217 -3.21 1.45 -37.99
CA TYR B 217 -2.17 0.48 -37.63
C TYR B 217 -2.54 -0.45 -36.45
N TRP B 218 -3.28 0.06 -35.48
CA TRP B 218 -3.73 -0.72 -34.33
C TRP B 218 -5.19 -0.49 -34.12
N PRO B 219 -6.04 -1.21 -34.86
CA PRO B 219 -7.46 -1.03 -34.76
C PRO B 219 -8.03 -1.14 -33.33
N SER B 220 -7.39 -1.88 -32.43
CA SER B 220 -7.79 -1.93 -31.00
C SER B 220 -7.91 -0.55 -30.32
N LEU B 221 -7.24 0.46 -30.89
CA LEU B 221 -7.19 1.85 -30.34
C LEU B 221 -8.21 2.73 -31.04
N LYS B 222 -8.94 2.19 -32.00
CA LYS B 222 -9.94 3.00 -32.73
C LYS B 222 -10.88 3.93 -31.92
N ASP B 223 -11.36 3.47 -30.77
CA ASP B 223 -12.28 4.31 -29.93
C ASP B 223 -11.56 4.74 -28.70
N ILE B 224 -10.23 4.78 -28.77
CA ILE B 224 -9.43 5.18 -27.64
C ILE B 224 -8.56 6.36 -27.98
N VAL B 225 -8.28 6.52 -29.27
CA VAL B 225 -7.37 7.58 -29.68
C VAL B 225 -8.03 8.43 -30.77
N PRO B 226 -8.24 9.77 -30.54
CA PRO B 226 -7.98 10.57 -29.29
C PRO B 226 -8.87 10.19 -28.09
N LEU B 227 -8.31 10.31 -26.88
CA LEU B 227 -9.08 10.06 -25.66
C LEU B 227 -9.87 11.33 -25.34
N THR C 1 -9.42 -17.92 -10.46
CA THR C 1 -10.45 -18.98 -10.75
C THR C 1 -11.84 -18.39 -10.59
N LYS C 2 -12.74 -18.67 -11.53
CA LYS C 2 -14.12 -18.18 -11.45
C LYS C 2 -14.94 -19.11 -10.51
N PRO C 3 -15.98 -18.59 -9.84
CA PRO C 3 -16.76 -19.57 -9.04
C PRO C 3 -17.23 -20.85 -9.81
N GLY C 4 -17.22 -22.01 -9.14
CA GLY C 4 -17.76 -23.23 -9.71
C GLY C 4 -16.75 -24.03 -10.50
N TYR C 5 -15.60 -23.41 -10.76
CA TYR C 5 -14.52 -24.07 -11.55
C TYR C 5 -13.44 -24.68 -10.66
N ILE C 6 -12.70 -25.64 -11.19
CA ILE C 6 -11.61 -26.31 -10.45
C ILE C 6 -10.54 -25.31 -10.02
N ASN C 7 -10.39 -25.21 -8.72
CA ASN C 7 -9.43 -24.32 -8.08
C ASN C 7 -8.17 -25.02 -7.59
N ALA C 8 -8.22 -26.32 -7.33
CA ALA C 8 -7.01 -27.10 -6.93
C ALA C 8 -7.15 -28.60 -7.28
N ALA C 9 -6.01 -29.31 -7.33
CA ALA C 9 -6.06 -30.72 -7.61
C ALA C 9 -4.79 -31.39 -7.21
N PHE C 10 -4.89 -32.64 -6.84
CA PHE C 10 -3.67 -33.43 -6.55
C PHE C 10 -4.00 -34.87 -6.84
N ARG C 11 -3.00 -35.65 -7.14
CA ARG C 11 -3.18 -37.06 -7.40
C ARG C 11 -3.13 -37.93 -6.15
N SER C 12 -4.11 -38.86 -6.11
CA SER C 12 -4.20 -39.82 -5.00
C SER C 12 -3.19 -40.91 -5.10
N SER C 13 -2.84 -41.47 -3.93
CA SER C 13 -2.00 -42.67 -3.89
C SER C 13 -2.76 -43.87 -4.49
N LYS C 14 -4.09 -43.79 -4.57
CA LYS C 14 -4.84 -44.90 -5.15
C LYS C 14 -4.93 -44.73 -6.64
N ASN C 15 -4.53 -45.76 -7.39
CA ASN C 15 -4.55 -45.75 -8.85
C ASN C 15 -5.69 -45.01 -9.57
N ASN C 16 -5.29 -44.11 -10.48
CA ASN C 16 -6.20 -43.37 -11.36
C ASN C 16 -7.29 -42.53 -10.68
N GLU C 17 -7.01 -42.10 -9.45
CA GLU C 17 -7.90 -41.28 -8.63
C GLU C 17 -7.28 -39.90 -8.32
N ALA C 18 -8.14 -38.89 -8.26
CA ALA C 18 -7.68 -37.50 -8.01
C ALA C 18 -8.75 -36.69 -7.28
N TYR C 19 -8.28 -35.72 -6.50
CA TYR C 19 -9.15 -34.81 -5.79
C TYR C 19 -9.13 -33.44 -6.50
N PHE C 20 -10.34 -32.96 -6.81
CA PHE C 20 -10.52 -31.70 -7.46
C PHE C 20 -11.21 -30.82 -6.42
N PHE C 21 -10.69 -29.60 -6.25
CA PHE C 21 -11.18 -28.63 -5.28
C PHE C 21 -11.92 -27.49 -5.99
N ILE C 22 -13.20 -27.36 -5.68
CA ILE C 22 -14.10 -26.39 -6.29
C ILE C 22 -14.77 -25.59 -5.15
N ASN C 23 -14.72 -24.25 -5.21
CA ASN C 23 -15.27 -23.42 -4.14
C ASN C 23 -14.83 -23.92 -2.76
N ASP C 24 -15.80 -24.15 -1.86
CA ASP C 24 -15.49 -24.69 -0.54
C ASP C 24 -15.68 -26.22 -0.39
N LYS C 25 -15.80 -26.90 -1.54
CA LYS C 25 -16.02 -28.32 -1.62
C LYS C 25 -14.99 -29.07 -2.48
N TYR C 26 -15.24 -30.35 -2.68
CA TYR C 26 -14.39 -31.12 -3.56
C TYR C 26 -15.13 -32.37 -4.10
N VAL C 27 -14.53 -32.96 -5.16
CA VAL C 27 -14.97 -34.22 -5.81
C VAL C 27 -13.79 -35.22 -5.75
N LEU C 28 -14.03 -36.46 -5.31
CA LEU C 28 -13.06 -37.51 -5.56
C LEU C 28 -13.37 -38.21 -6.91
N LEU C 29 -12.38 -38.35 -7.79
CA LEU C 29 -12.67 -38.82 -9.14
C LEU C 29 -11.75 -39.92 -9.62
N ASP C 30 -12.33 -40.93 -10.24
CA ASP C 30 -11.58 -41.90 -11.00
C ASP C 30 -11.58 -41.21 -12.35
N TYR C 31 -10.49 -40.51 -12.67
CA TYR C 31 -10.42 -39.68 -13.86
C TYR C 31 -10.06 -40.43 -15.11
N ALA C 32 -9.84 -41.75 -14.99
CA ALA C 32 -9.59 -42.65 -16.12
C ALA C 32 -8.61 -42.11 -17.18
N PRO C 33 -7.27 -42.15 -16.90
CA PRO C 33 -6.26 -41.64 -17.84
C PRO C 33 -5.80 -42.68 -18.86
N GLY C 34 -5.58 -42.26 -20.11
CA GLY C 34 -5.14 -43.18 -21.18
C GLY C 34 -6.20 -44.23 -21.55
N SER C 35 -7.20 -44.34 -20.67
CA SER C 35 -8.38 -45.15 -20.90
C SER C 35 -9.61 -44.22 -20.75
N SER C 36 -10.82 -44.78 -20.91
CA SER C 36 -12.09 -44.07 -20.57
C SER C 36 -12.69 -44.84 -19.38
N ARG C 37 -13.98 -44.57 -19.10
CA ARG C 37 -14.63 -45.02 -17.88
C ARG C 37 -14.33 -44.09 -16.69
N ASP C 38 -14.50 -42.78 -16.86
CA ASP C 38 -14.35 -41.85 -15.76
C ASP C 38 -15.54 -42.02 -14.80
N LYS C 39 -15.32 -41.88 -13.51
CA LYS C 39 -16.43 -41.97 -12.61
C LYS C 39 -16.24 -41.13 -11.34
N VAL C 40 -17.28 -40.40 -10.93
CA VAL C 40 -17.23 -39.60 -9.74
C VAL C 40 -17.38 -40.50 -8.53
N LEU C 41 -16.34 -40.50 -7.70
CA LEU C 41 -16.30 -41.40 -6.53
C LEU C 41 -16.94 -40.79 -5.25
N TYR C 42 -16.95 -39.46 -5.13
CA TYR C 42 -17.50 -38.82 -3.96
C TYR C 42 -17.70 -37.32 -4.15
N GLY C 43 -18.79 -36.77 -3.65
CA GLY C 43 -19.05 -35.37 -3.80
C GLY C 43 -19.97 -34.99 -4.97
N PRO C 44 -20.05 -33.67 -5.28
CA PRO C 44 -19.34 -32.62 -4.53
C PRO C 44 -19.73 -32.56 -3.05
N THR C 45 -18.78 -32.30 -2.17
CA THR C 45 -19.01 -32.23 -0.73
C THR C 45 -18.13 -31.15 -0.13
N PRO C 46 -18.65 -30.40 0.87
CA PRO C 46 -17.82 -29.42 1.58
C PRO C 46 -16.54 -30.10 2.08
N VAL C 47 -15.41 -29.40 1.95
CA VAL C 47 -14.14 -29.82 2.45
C VAL C 47 -14.25 -30.14 3.94
N ARG C 48 -14.98 -29.30 4.66
CA ARG C 48 -15.25 -29.39 6.13
C ARG C 48 -16.02 -30.63 6.57
N ASP C 49 -16.72 -31.27 5.63
CA ASP C 49 -17.47 -32.51 5.88
C ASP C 49 -16.69 -33.75 5.47
N GLY C 50 -16.07 -33.72 4.32
CA GLY C 50 -15.28 -34.85 3.84
C GLY C 50 -13.94 -35.02 4.53
N PHE C 51 -13.38 -33.89 5.00
CA PHE C 51 -12.11 -33.87 5.72
C PHE C 51 -12.37 -33.18 7.02
N LYS C 52 -12.71 -33.94 8.03
CA LYS C 52 -13.06 -33.36 9.33
C LYS C 52 -11.86 -32.83 10.15
N SER C 53 -10.65 -33.35 9.91
CA SER C 53 -9.50 -32.77 10.56
C SER C 53 -9.37 -31.31 10.12
N LEU C 54 -10.03 -30.97 9.00
CA LEU C 54 -10.04 -29.60 8.47
C LEU C 54 -11.32 -28.81 8.78
N ASN C 55 -12.37 -29.47 9.23
CA ASN C 55 -13.63 -28.74 9.53
C ASN C 55 -13.49 -27.34 10.18
N GLN C 56 -12.76 -27.23 11.31
CA GLN C 56 -12.60 -25.98 12.04
C GLN C 56 -11.23 -25.37 11.80
N THR C 57 -10.97 -25.06 10.53
CA THR C 57 -9.74 -24.41 10.07
C THR C 57 -10.15 -23.52 8.90
N ILE C 58 -9.20 -22.72 8.41
CA ILE C 58 -9.42 -21.78 7.29
C ILE C 58 -9.83 -22.59 6.04
N PHE C 59 -9.31 -23.82 5.94
CA PHE C 59 -9.69 -24.75 4.87
C PHE C 59 -11.13 -25.29 4.97
N GLY C 60 -11.61 -25.55 6.18
CA GLY C 60 -12.96 -26.02 6.32
C GLY C 60 -13.88 -24.88 5.94
N SER C 61 -13.57 -23.68 6.43
CA SER C 61 -14.32 -22.43 6.12
C SER C 61 -14.33 -22.02 4.62
N TYR C 62 -13.20 -21.99 3.97
CA TYR C 62 -13.09 -21.42 2.59
C TYR C 62 -12.74 -22.35 1.46
N GLY C 63 -12.19 -23.51 1.82
CA GLY C 63 -11.81 -24.49 0.83
C GLY C 63 -10.32 -24.43 0.59
N ILE C 64 -9.90 -25.13 -0.45
CA ILE C 64 -8.52 -25.23 -0.89
C ILE C 64 -8.34 -24.59 -2.28
N ASP C 65 -7.40 -23.63 -2.40
CA ASP C 65 -7.18 -23.00 -3.72
C ASP C 65 -5.91 -23.41 -4.41
N CYS C 66 -5.19 -24.40 -3.88
CA CYS C 66 -3.97 -24.88 -4.56
C CYS C 66 -3.49 -26.10 -3.75
N SER C 67 -2.86 -27.06 -4.42
CA SER C 67 -2.43 -28.30 -3.79
C SER C 67 -1.47 -29.07 -4.71
N PHE C 68 -0.79 -30.07 -4.15
CA PHE C 68 0.08 -31.02 -4.86
C PHE C 68 0.40 -32.16 -3.86
N ASP C 69 0.36 -33.40 -4.35
CA ASP C 69 0.83 -34.52 -3.55
C ASP C 69 2.34 -34.54 -3.39
N THR C 70 2.82 -35.14 -2.29
CA THR C 70 4.24 -35.30 -2.05
C THR C 70 4.59 -36.78 -2.24
N GLU C 71 4.26 -37.56 -1.22
CA GLU C 71 4.54 -38.99 -1.18
C GLU C 71 3.55 -39.65 -0.22
N ASN C 72 3.32 -40.94 -0.44
CA ASN C 72 2.37 -41.66 0.38
C ASN C 72 0.92 -41.12 0.36
N ASN C 73 0.34 -40.87 1.54
CA ASN C 73 -1.02 -40.31 1.60
C ASN C 73 -1.02 -38.86 2.08
N GLU C 74 0.06 -38.16 1.72
CA GLU C 74 0.24 -36.75 2.04
C GLU C 74 0.16 -35.75 0.86
N ALA C 75 0.03 -34.50 1.21
CA ALA C 75 -0.16 -33.43 0.25
C ALA C 75 -0.09 -32.09 0.92
N PHE C 76 0.49 -31.11 0.21
CA PHE C 76 0.40 -29.71 0.60
C PHE C 76 -0.84 -29.10 0.01
N ILE C 77 -1.63 -28.45 0.88
CA ILE C 77 -2.84 -27.71 0.55
C ILE C 77 -2.61 -26.20 0.86
N PHE C 78 -3.33 -25.33 0.15
CA PHE C 78 -3.29 -23.88 0.31
C PHE C 78 -4.62 -23.17 0.34
N TYR C 79 -4.56 -21.98 0.88
CA TYR C 79 -5.71 -21.06 0.89
C TYR C 79 -5.09 -19.67 1.09
N GLU C 80 -5.07 -18.83 0.04
CA GLU C 80 -4.44 -17.51 0.12
C GLU C 80 -3.01 -17.63 0.62
N ASN C 81 -2.63 -16.88 1.65
CA ASN C 81 -1.29 -16.94 2.17
C ASN C 81 -0.95 -18.07 3.18
N PHE C 82 -1.85 -19.05 3.32
CA PHE C 82 -1.64 -20.14 4.30
C PHE C 82 -1.60 -21.47 3.60
N CYS C 83 -0.84 -22.40 4.19
CA CYS C 83 -0.74 -23.74 3.70
C CYS C 83 -0.56 -24.73 4.89
N ALA C 84 -0.59 -26.01 4.55
CA ALA C 84 -0.60 -27.10 5.54
C ALA C 84 -0.27 -28.36 4.80
N LEU C 85 0.44 -29.26 5.49
CA LEU C 85 0.72 -30.57 4.98
C LEU C 85 -0.30 -31.48 5.65
N ILE C 86 -1.04 -32.24 4.86
CA ILE C 86 -2.08 -33.10 5.41
C ILE C 86 -1.88 -34.55 5.04
N ASP C 87 -2.58 -35.41 5.76
CA ASP C 87 -2.61 -36.81 5.41
C ASP C 87 -4.06 -37.03 4.98
N TYR C 88 -4.36 -37.25 3.67
CA TYR C 88 -5.75 -37.45 3.24
C TYR C 88 -6.25 -38.91 3.48
N ALA C 89 -5.36 -39.79 3.96
CA ALA C 89 -5.70 -41.19 4.31
C ALA C 89 -6.92 -41.73 3.49
N PRO C 90 -6.73 -41.99 2.17
CA PRO C 90 -7.80 -42.42 1.28
C PRO C 90 -8.49 -43.79 1.59
N HIS C 91 -7.75 -44.70 2.24
CA HIS C 91 -8.19 -46.05 2.66
C HIS C 91 -9.18 -46.06 3.87
N SER C 92 -9.10 -45.02 4.70
CA SER C 92 -9.74 -45.00 6.02
C SER C 92 -10.54 -43.78 6.34
N LYS C 93 -10.49 -42.73 5.50
CA LYS C 93 -11.17 -41.46 5.81
C LYS C 93 -10.65 -40.84 7.10
N LYS C 94 -9.43 -41.16 7.54
CA LYS C 94 -8.95 -40.47 8.76
C LYS C 94 -7.77 -39.52 8.54
N ASP C 95 -8.11 -38.49 7.75
CA ASP C 95 -7.23 -37.36 7.41
C ASP C 95 -6.88 -36.65 8.70
N LYS C 96 -5.70 -36.06 8.71
CA LYS C 96 -5.26 -35.35 9.85
C LYS C 96 -4.25 -34.33 9.28
N ILE C 97 -4.06 -33.22 9.99
CA ILE C 97 -3.10 -32.24 9.57
C ILE C 97 -1.79 -32.71 10.18
N ILE C 98 -0.71 -32.59 9.43
CA ILE C 98 0.63 -32.97 9.86
C ILE C 98 1.45 -31.74 10.11
N LEU C 99 1.11 -30.63 9.42
CA LEU C 99 1.91 -29.40 9.56
C LEU C 99 1.11 -28.13 9.22
N GLY C 100 1.13 -27.13 10.11
CA GLY C 100 0.33 -25.92 9.90
C GLY C 100 -1.02 -26.01 10.59
N PRO C 101 -2.01 -25.21 10.17
CA PRO C 101 -1.99 -24.21 9.10
C PRO C 101 -0.94 -23.17 9.29
N LYS C 102 -0.23 -22.82 8.22
CA LYS C 102 0.84 -21.84 8.39
C LYS C 102 1.10 -21.01 7.15
N LYS C 103 1.74 -19.85 7.31
CA LYS C 103 1.98 -18.95 6.16
C LYS C 103 2.93 -19.61 5.16
N ILE C 104 2.65 -19.36 3.89
CA ILE C 104 3.49 -19.86 2.81
C ILE C 104 4.99 -19.53 2.92
N ALA C 105 5.35 -18.30 3.24
CA ALA C 105 6.78 -17.86 3.27
C ALA C 105 7.42 -18.43 4.50
N ASP C 106 6.57 -19.01 5.33
CA ASP C 106 7.00 -19.62 6.57
C ASP C 106 7.44 -21.03 6.33
N VAL C 107 6.63 -21.80 5.61
CA VAL C 107 6.97 -23.20 5.28
C VAL C 107 8.01 -23.25 4.21
N PHE C 108 7.85 -22.41 3.18
CA PHE C 108 8.83 -22.27 2.05
C PHE C 108 9.44 -20.86 2.03
N PRO C 109 10.52 -20.63 2.83
CA PRO C 109 11.01 -19.26 2.97
C PRO C 109 11.59 -18.58 1.74
N PHE C 110 11.97 -19.35 0.71
CA PHE C 110 12.47 -18.74 -0.53
C PHE C 110 11.31 -18.03 -1.25
N PHE C 111 10.08 -18.22 -0.75
CA PHE C 111 8.89 -17.62 -1.39
C PHE C 111 8.66 -16.28 -0.78
N GLU C 112 9.38 -15.98 0.29
CA GLU C 112 9.26 -14.67 0.92
C GLU C 112 9.67 -13.52 -0.02
N GLY C 113 8.82 -12.50 -0.14
CA GLY C 113 9.12 -11.31 -0.95
C GLY C 113 8.94 -11.69 -2.41
N THR C 114 8.14 -12.74 -2.63
CA THR C 114 7.88 -13.32 -3.93
C THR C 114 6.42 -13.22 -4.26
N VAL C 115 6.06 -13.35 -5.55
CA VAL C 115 4.63 -13.42 -5.96
C VAL C 115 3.86 -14.61 -5.32
N PHE C 116 4.62 -15.59 -4.85
CA PHE C 116 4.07 -16.80 -4.22
C PHE C 116 3.68 -16.61 -2.77
N GLU C 117 4.29 -15.62 -2.13
CA GLU C 117 4.06 -15.34 -0.72
C GLU C 117 2.56 -15.15 -0.36
N SER C 118 1.84 -14.37 -1.18
CA SER C 118 0.42 -14.05 -0.89
C SER C 118 -0.57 -15.14 -1.42
N GLY C 119 -0.05 -16.20 -2.04
CA GLY C 119 -0.93 -17.18 -2.62
C GLY C 119 -0.33 -17.82 -3.81
N ILE C 120 -0.70 -19.08 -4.08
CA ILE C 120 -0.25 -19.80 -5.26
C ILE C 120 -1.41 -20.22 -6.15
N ASP C 121 -1.26 -20.24 -7.48
CA ASP C 121 -2.42 -20.61 -8.32
C ASP C 121 -2.66 -22.14 -8.43
N ALA C 122 -1.62 -22.84 -8.88
CA ALA C 122 -1.71 -24.28 -9.18
C ALA C 122 -0.31 -24.92 -8.97
N ALA C 123 -0.27 -26.25 -8.80
CA ALA C 123 0.98 -26.99 -8.63
C ALA C 123 0.79 -28.41 -9.06
N TYR C 124 1.89 -29.05 -9.48
CA TYR C 124 1.86 -30.45 -9.78
C TYR C 124 3.16 -31.11 -9.33
N ARG C 125 3.07 -32.41 -9.05
CA ARG C 125 4.17 -33.20 -8.64
C ARG C 125 5.00 -33.64 -9.86
N SER C 126 6.31 -33.37 -9.81
CA SER C 126 7.23 -33.78 -10.86
C SER C 126 7.44 -35.27 -10.65
N THR C 127 7.73 -36.01 -11.72
CA THR C 127 8.08 -37.44 -11.60
C THR C 127 9.47 -37.55 -11.01
N ARG C 128 10.26 -36.51 -11.21
CA ARG C 128 11.66 -36.49 -10.77
C ARG C 128 11.88 -36.07 -9.29
N GLY C 129 12.53 -36.98 -8.52
CA GLY C 129 12.77 -36.79 -7.12
C GLY C 129 11.64 -36.19 -6.36
N LYS C 130 11.95 -35.22 -5.52
CA LYS C 130 10.93 -34.50 -4.72
C LYS C 130 10.71 -33.11 -5.29
N GLU C 131 10.71 -33.02 -6.62
CA GLU C 131 10.40 -31.74 -7.27
C GLU C 131 8.91 -31.45 -7.48
N VAL C 132 8.59 -30.15 -7.46
CA VAL C 132 7.19 -29.65 -7.57
C VAL C 132 7.21 -28.34 -8.41
N TYR C 133 6.30 -28.23 -9.39
CA TYR C 133 6.09 -26.98 -10.18
C TYR C 133 4.89 -26.21 -9.63
N LEU C 134 5.05 -24.90 -9.43
CA LEU C 134 4.00 -24.07 -8.85
C LEU C 134 3.87 -22.87 -9.75
N PHE C 135 2.65 -22.41 -9.95
CA PHE C 135 2.36 -21.28 -10.82
C PHE C 135 1.57 -20.22 -10.10
N LYS C 136 1.86 -18.96 -10.42
CA LYS C 136 1.16 -17.79 -9.91
C LYS C 136 1.14 -16.75 -11.07
N GLY C 137 -0.04 -16.39 -11.56
CA GLY C 137 -0.15 -15.46 -12.67
C GLY C 137 0.57 -16.12 -13.82
N ASP C 138 1.39 -15.40 -14.54
CA ASP C 138 2.04 -15.97 -15.70
C ASP C 138 3.47 -16.43 -15.48
N GLN C 139 3.83 -16.75 -14.24
CA GLN C 139 5.17 -17.22 -13.95
C GLN C 139 5.05 -18.50 -13.15
N TYR C 140 6.16 -19.20 -12.97
CA TYR C 140 6.13 -20.44 -12.25
C TYR C 140 7.47 -20.69 -11.55
N ALA C 141 7.47 -21.56 -10.55
CA ALA C 141 8.72 -22.00 -9.91
C ALA C 141 8.83 -23.52 -9.85
N ARG C 142 10.06 -23.96 -9.69
CA ARG C 142 10.39 -25.37 -9.56
C ARG C 142 11.14 -25.45 -8.22
N ILE C 143 10.50 -26.05 -7.22
CA ILE C 143 11.06 -26.24 -5.91
C ILE C 143 11.31 -27.75 -5.67
N ASP C 144 11.99 -28.01 -4.57
CA ASP C 144 12.25 -29.36 -4.07
C ASP C 144 11.77 -29.34 -2.62
N TYR C 145 10.82 -30.20 -2.25
CA TYR C 145 10.42 -30.18 -0.84
C TYR C 145 11.34 -31.00 0.06
N GLY C 146 12.28 -31.73 -0.54
CA GLY C 146 13.21 -32.55 0.27
C GLY C 146 14.28 -31.69 0.93
N SER C 147 14.95 -30.92 0.07
CA SER C 147 15.91 -29.87 0.45
C SER C 147 15.21 -28.51 0.72
N ASN C 148 13.90 -28.46 0.47
CA ASN C 148 13.13 -27.22 0.68
C ASN C 148 13.85 -25.98 0.11
N SER C 149 14.19 -26.08 -1.17
CA SER C 149 14.92 -25.05 -1.91
C SER C 149 14.29 -24.93 -3.29
N MET C 150 14.73 -23.91 -4.02
CA MET C 150 14.33 -23.72 -5.40
C MET C 150 15.40 -24.36 -6.28
N VAL C 151 15.00 -25.30 -7.16
CA VAL C 151 15.98 -26.03 -8.03
C VAL C 151 16.47 -25.07 -9.10
N ASN C 152 15.47 -24.43 -9.70
CA ASN C 152 15.64 -23.37 -10.67
C ASN C 152 16.06 -22.19 -9.82
N LYS C 153 17.17 -21.54 -10.18
CA LYS C 153 17.61 -20.34 -9.46
C LYS C 153 16.51 -19.23 -9.43
N GLU C 154 15.88 -18.98 -10.60
CA GLU C 154 14.97 -17.83 -10.70
C GLU C 154 13.56 -18.20 -11.09
N ILE C 155 12.60 -17.41 -10.58
CA ILE C 155 11.18 -17.50 -10.97
C ILE C 155 11.10 -17.07 -12.43
N LYS C 156 10.60 -17.96 -13.28
CA LYS C 156 10.55 -17.77 -14.75
C LYS C 156 9.12 -17.56 -15.28
N SER C 157 8.97 -16.97 -16.46
CA SER C 157 7.64 -16.82 -16.99
C SER C 157 7.14 -18.16 -17.53
N ILE C 158 5.83 -18.38 -17.61
CA ILE C 158 5.28 -19.64 -18.08
C ILE C 158 5.67 -19.96 -19.52
N SER C 159 5.56 -18.99 -20.43
CA SER C 159 5.88 -19.25 -21.83
C SER C 159 7.33 -19.70 -21.99
N SER C 160 8.21 -19.32 -21.08
CA SER C 160 9.61 -19.70 -21.18
C SER C 160 9.79 -21.17 -20.84
N GLY C 161 9.01 -21.67 -19.87
CA GLY C 161 9.20 -23.03 -19.38
C GLY C 161 8.36 -24.00 -20.20
N TYR C 162 7.27 -23.46 -20.71
CA TYR C 162 6.26 -24.26 -21.46
C TYR C 162 5.92 -23.71 -22.84
N PRO C 163 6.75 -24.02 -23.84
CA PRO C 163 6.51 -23.49 -25.17
C PRO C 163 5.11 -23.85 -25.69
N CYS C 164 4.67 -25.09 -25.37
CA CYS C 164 3.39 -25.58 -25.86
C CYS C 164 2.23 -24.65 -25.46
N PHE C 165 2.42 -23.82 -24.41
CA PHE C 165 1.36 -22.93 -23.95
C PHE C 165 1.34 -21.54 -24.63
N ARG C 166 2.35 -21.25 -25.47
CA ARG C 166 2.41 -19.99 -26.24
C ARG C 166 1.16 -19.82 -27.10
N ASN C 167 0.55 -18.65 -27.00
CA ASN C 167 -0.71 -18.35 -27.72
C ASN C 167 -1.82 -19.29 -27.31
N THR C 168 -1.94 -19.49 -25.99
CA THR C 168 -2.92 -20.39 -25.38
C THR C 168 -3.45 -19.68 -24.13
N ILE C 169 -4.65 -20.02 -23.71
CA ILE C 169 -5.24 -19.44 -22.51
C ILE C 169 -4.37 -19.71 -21.28
N PHE C 170 -3.46 -20.69 -21.39
CA PHE C 170 -2.54 -21.08 -20.30
C PHE C 170 -1.25 -20.27 -20.13
N GLU C 171 -0.80 -19.54 -21.15
CA GLU C 171 0.47 -18.77 -20.96
C GLU C 171 0.33 -17.63 -19.92
N SER C 172 -0.93 -17.22 -19.63
CA SER C 172 -1.20 -16.23 -18.61
C SER C 172 -1.56 -16.83 -17.24
N GLY C 173 -1.38 -18.14 -17.09
CA GLY C 173 -1.63 -18.84 -15.85
C GLY C 173 -2.68 -19.93 -15.94
N ALA C 174 -2.81 -20.71 -14.87
CA ALA C 174 -3.82 -21.77 -14.75
C ALA C 174 -4.53 -21.69 -13.38
N ASP C 175 -5.75 -22.23 -13.35
CA ASP C 175 -6.50 -22.29 -12.12
C ASP C 175 -6.08 -23.44 -11.24
N ALA C 176 -5.80 -24.59 -11.83
CA ALA C 176 -5.42 -25.75 -11.07
C ALA C 176 -4.57 -26.67 -11.94
N ALA C 177 -4.00 -27.74 -11.35
CA ALA C 177 -3.22 -28.72 -12.09
C ALA C 177 -2.94 -29.94 -11.23
N PHE C 178 -2.63 -31.06 -11.85
CA PHE C 178 -2.16 -32.26 -11.08
C PHE C 178 -1.43 -33.23 -12.01
N ALA C 179 -0.41 -33.94 -11.52
CA ALA C 179 0.28 -34.96 -12.30
C ALA C 179 -0.54 -36.24 -12.44
N SER C 180 -0.54 -36.84 -13.62
CA SER C 180 -1.27 -38.05 -13.84
C SER C 180 -0.46 -39.27 -13.34
N HIS C 181 -1.19 -40.38 -13.12
CA HIS C 181 -0.68 -41.72 -12.74
C HIS C 181 0.07 -42.28 -13.92
N LYS C 182 -0.26 -41.75 -15.11
CA LYS C 182 0.37 -42.03 -16.34
C LYS C 182 1.59 -41.12 -16.42
N THR C 183 2.76 -41.74 -16.47
CA THR C 183 4.04 -41.05 -16.41
C THR C 183 4.13 -39.81 -17.26
N ASN C 184 4.63 -38.73 -16.64
CA ASN C 184 4.87 -37.44 -17.26
C ASN C 184 3.67 -36.82 -18.00
N GLU C 185 2.43 -37.17 -17.63
CA GLU C 185 1.28 -36.43 -18.14
C GLU C 185 0.75 -35.54 -17.03
N VAL C 186 0.39 -34.30 -17.38
CA VAL C 186 -0.04 -33.33 -16.39
C VAL C 186 -1.29 -32.70 -16.92
N TYR C 187 -2.26 -32.42 -16.04
CA TYR C 187 -3.48 -31.73 -16.43
C TYR C 187 -3.46 -30.32 -15.88
N PHE C 188 -3.89 -29.35 -16.72
CA PHE C 188 -3.95 -27.94 -16.38
C PHE C 188 -5.41 -27.47 -16.62
N PHE C 189 -5.96 -26.70 -15.70
CA PHE C 189 -7.37 -26.23 -15.74
C PHE C 189 -7.44 -24.74 -15.87
N LYS C 190 -8.41 -24.26 -16.64
CA LYS C 190 -8.73 -22.85 -16.75
C LYS C 190 -10.17 -22.67 -17.20
N ASP C 191 -11.04 -22.18 -16.31
CA ASP C 191 -12.46 -22.06 -16.61
C ASP C 191 -13.00 -23.40 -17.03
N ASP C 192 -13.75 -23.43 -18.13
CA ASP C 192 -14.28 -24.72 -18.61
C ASP C 192 -13.31 -25.59 -19.45
N HIS C 193 -12.06 -25.17 -19.57
CA HIS C 193 -11.08 -25.84 -20.42
C HIS C 193 -10.02 -26.56 -19.61
N TYR C 194 -9.25 -27.36 -20.33
CA TYR C 194 -8.13 -28.12 -19.74
C TYR C 194 -7.14 -28.44 -20.88
N ALA C 195 -5.87 -28.56 -20.54
CA ALA C 195 -4.85 -29.09 -21.47
C ALA C 195 -4.23 -30.30 -20.81
N ARG C 196 -4.26 -31.42 -21.54
CA ARG C 196 -3.60 -32.62 -21.12
C ARG C 196 -2.22 -32.52 -21.75
N VAL C 197 -1.19 -32.38 -20.91
CA VAL C 197 0.17 -32.06 -21.41
C VAL C 197 1.14 -33.15 -21.10
N LYS C 198 2.07 -33.35 -22.03
CA LYS C 198 3.17 -34.30 -21.87
C LYS C 198 4.43 -33.50 -21.62
N VAL C 199 4.77 -33.40 -20.33
CA VAL C 199 5.97 -32.67 -19.92
C VAL C 199 7.16 -33.64 -19.95
N THR C 200 8.31 -33.10 -19.63
CA THR C 200 9.55 -33.91 -19.43
C THR C 200 10.54 -32.91 -18.86
N PRO C 201 10.88 -33.06 -17.54
CA PRO C 201 11.86 -32.12 -16.90
C PRO C 201 12.97 -31.73 -17.93
N UNK C 202 12.72 -30.62 -18.67
CA UNK C 202 13.53 -30.25 -19.88
C UNK C 202 13.14 -28.89 -20.51
N UNK C 203 12.64 -28.94 -21.75
CA UNK C 203 12.38 -27.71 -22.50
C UNK C 203 11.23 -27.82 -23.50
N LYS C 204 10.85 -29.06 -23.85
CA LYS C 204 9.91 -29.24 -24.95
C LYS C 204 8.72 -30.21 -24.64
N LEU C 205 7.57 -29.54 -24.41
CA LEU C 205 6.29 -30.10 -23.96
C LEU C 205 5.39 -30.20 -25.19
N UNK C 206 4.17 -30.71 -25.02
CA UNK C 206 3.22 -30.78 -26.14
C UNK C 206 1.81 -31.06 -25.55
N ILE C 207 0.80 -30.25 -25.97
CA ILE C 207 -0.58 -30.41 -25.54
C ILE C 207 -1.26 -31.46 -26.41
N MET C 208 -1.42 -32.67 -25.87
CA MET C 208 -2.03 -33.78 -26.59
C MET C 208 -3.52 -33.54 -26.95
N ASP C 209 -3.74 -33.28 -28.25
CA ASP C 209 -5.03 -33.02 -28.86
C ASP C 209 -5.57 -31.63 -28.62
N GLY C 210 -4.74 -30.71 -28.20
CA GLY C 210 -5.17 -29.34 -28.06
C GLY C 210 -6.03 -29.14 -26.83
N VAL C 211 -6.40 -27.86 -26.61
CA VAL C 211 -7.21 -27.43 -25.45
C VAL C 211 -8.64 -27.84 -25.63
N ARG C 212 -9.19 -28.54 -24.62
CA ARG C 212 -10.55 -29.06 -24.77
C ARG C 212 -11.45 -28.66 -23.61
N GLU C 213 -12.67 -29.15 -23.60
CA GLU C 213 -13.56 -28.84 -22.48
C GLU C 213 -13.61 -29.99 -21.49
N ILE C 214 -13.31 -29.66 -20.23
CA ILE C 214 -13.36 -30.57 -19.10
C ILE C 214 -14.51 -31.64 -19.18
N VAL C 215 -15.74 -31.17 -19.41
CA VAL C 215 -16.90 -32.07 -19.42
C VAL C 215 -16.99 -32.95 -20.67
N ASP C 216 -16.27 -32.61 -21.73
CA ASP C 216 -16.22 -33.45 -22.93
C ASP C 216 -15.21 -34.56 -22.66
N TYR C 217 -14.15 -34.27 -21.89
CA TYR C 217 -13.14 -35.24 -21.53
C TYR C 217 -13.56 -36.18 -20.37
N TRP C 218 -14.22 -35.61 -19.38
CA TRP C 218 -14.80 -36.34 -18.26
C TRP C 218 -16.29 -36.17 -18.24
N PRO C 219 -17.03 -36.95 -19.08
CA PRO C 219 -18.48 -36.82 -19.07
C PRO C 219 -19.16 -36.93 -17.69
N SER C 220 -18.56 -37.64 -16.75
CA SER C 220 -19.12 -37.74 -15.38
C SER C 220 -19.24 -36.41 -14.61
N LEU C 221 -18.47 -35.42 -15.03
CA LEU C 221 -18.43 -34.12 -14.31
C LEU C 221 -19.27 -33.12 -15.06
N LYS C 222 -20.22 -33.61 -15.86
CA LYS C 222 -20.97 -32.75 -16.76
C LYS C 222 -22.15 -31.96 -16.15
N ASP C 223 -22.71 -32.41 -15.05
CA ASP C 223 -23.80 -31.68 -14.40
C ASP C 223 -23.17 -31.09 -13.16
N ILE C 224 -21.84 -31.16 -13.08
CA ILE C 224 -21.16 -30.69 -11.88
C ILE C 224 -20.28 -29.48 -12.15
N VAL C 225 -19.63 -29.41 -13.32
CA VAL C 225 -18.73 -28.29 -13.66
C VAL C 225 -19.38 -27.45 -14.77
N PRO C 226 -19.62 -26.12 -14.53
CA PRO C 226 -19.32 -25.36 -13.29
C PRO C 226 -20.27 -25.76 -12.17
N LEU C 227 -19.85 -25.57 -10.93
CA LEU C 227 -20.70 -25.87 -9.77
C LEU C 227 -21.38 -24.61 -9.34
N THR D 1 13.64 33.27 0.84
CA THR D 1 14.23 32.77 2.13
C THR D 1 15.66 32.34 1.92
N LYS D 2 16.55 32.83 2.78
CA LYS D 2 17.94 32.44 2.76
C LYS D 2 18.05 31.02 3.41
N PRO D 3 18.95 30.15 2.93
CA PRO D 3 19.07 28.80 3.54
C PRO D 3 19.36 28.83 5.04
N GLY D 4 18.79 27.86 5.80
CA GLY D 4 19.01 27.77 7.25
C GLY D 4 17.90 28.48 7.95
N TYR D 5 17.23 29.39 7.24
CA TYR D 5 16.17 30.20 7.85
C TYR D 5 14.79 29.59 7.64
N ILE D 6 13.85 30.04 8.47
CA ILE D 6 12.48 29.57 8.44
C ILE D 6 11.76 29.97 7.17
N ASN D 7 11.39 28.95 6.41
CA ASN D 7 10.69 29.10 5.14
C ASN D 7 9.22 28.84 5.28
N ALA D 8 8.75 28.13 6.30
CA ALA D 8 7.31 27.90 6.46
C ALA D 8 6.95 27.56 7.90
N ALA D 9 5.70 27.83 8.30
CA ALA D 9 5.27 27.47 9.63
C ALA D 9 3.79 27.30 9.71
N PHE D 10 3.32 26.55 10.69
CA PHE D 10 1.87 26.42 10.92
C PHE D 10 1.55 26.02 12.38
N ARG D 11 0.37 26.45 12.86
CA ARG D 11 -0.03 26.13 14.21
C ARG D 11 -0.61 24.70 14.39
N SER D 12 -0.11 24.02 15.42
CA SER D 12 -0.66 22.71 15.72
C SER D 12 -1.94 22.83 16.53
N SER D 13 -2.76 21.80 16.40
CA SER D 13 -3.98 21.63 17.17
C SER D 13 -3.64 21.31 18.61
N LYS D 14 -2.40 20.84 18.84
CA LYS D 14 -1.89 20.65 20.20
C LYS D 14 -1.42 21.96 20.80
N ASN D 15 -2.01 22.36 21.92
CA ASN D 15 -1.73 23.65 22.55
C ASN D 15 -0.26 24.12 22.57
N ASN D 16 -0.03 25.35 22.15
CA ASN D 16 1.29 25.98 22.18
C ASN D 16 2.40 25.27 21.41
N GLU D 17 2.02 24.48 20.41
CA GLU D 17 2.99 23.84 19.48
C GLU D 17 2.88 24.33 18.04
N ALA D 18 3.97 24.30 17.30
CA ALA D 18 4.00 24.83 15.94
C ALA D 18 5.12 24.14 15.21
N TYR D 19 4.92 23.90 13.90
CA TYR D 19 5.95 23.30 13.02
C TYR D 19 6.62 24.42 12.18
N PHE D 20 7.94 24.41 12.14
CA PHE D 20 8.71 25.43 11.43
C PHE D 20 9.41 24.61 10.38
N PHE D 21 9.41 25.11 9.14
CA PHE D 21 10.06 24.47 8.03
C PHE D 21 11.30 25.25 7.53
N ILE D 22 12.42 24.55 7.59
CA ILE D 22 13.75 25.11 7.28
C ILE D 22 14.40 24.17 6.27
N ASN D 23 14.87 24.69 5.12
CA ASN D 23 15.50 23.85 4.17
C ASN D 23 14.53 22.75 3.76
N ASP D 24 14.98 21.49 3.80
CA ASP D 24 14.10 20.34 3.59
C ASP D 24 13.80 19.56 4.86
N LYS D 25 13.86 20.26 5.99
CA LYS D 25 13.67 19.70 7.31
C LYS D 25 12.64 20.53 8.09
N TYR D 26 12.36 20.08 9.30
CA TYR D 26 11.45 20.81 10.14
C TYR D 26 11.79 20.62 11.64
N VAL D 27 11.17 21.44 12.46
CA VAL D 27 11.36 21.43 13.94
C VAL D 27 9.94 21.53 14.47
N LEU D 28 9.54 20.63 15.40
CA LEU D 28 8.31 20.83 16.19
C LEU D 28 8.68 21.62 17.49
N LEU D 29 7.92 22.67 17.78
CA LEU D 29 8.29 23.56 18.87
C LEU D 29 7.13 23.82 19.85
N ASP D 30 7.44 23.75 21.15
CA ASP D 30 6.56 24.29 22.18
C ASP D 30 7.05 25.75 22.18
N TYR D 31 6.41 26.63 21.41
CA TYR D 31 6.91 27.98 21.25
C TYR D 31 6.55 28.89 22.43
N ALA D 32 5.82 28.33 23.40
CA ALA D 32 5.42 29.00 24.63
C ALA D 32 4.97 30.43 24.46
N PRO D 33 3.75 30.67 23.88
CA PRO D 33 3.27 32.09 23.75
C PRO D 33 2.92 32.63 25.13
N GLY D 34 3.06 33.94 25.36
CA GLY D 34 2.77 34.46 26.74
C GLY D 34 3.34 33.57 27.88
N SER D 35 4.58 33.10 27.72
CA SER D 35 5.29 32.37 28.75
C SER D 35 6.78 32.33 28.35
N SER D 36 7.55 31.62 29.16
CA SER D 36 8.99 31.46 29.00
C SER D 36 9.34 29.96 28.83
N ARG D 37 8.32 29.13 28.82
CA ARG D 37 8.55 27.69 28.81
C ARG D 37 8.80 27.13 27.39
N ASP D 38 9.59 27.83 26.54
CA ASP D 38 9.82 27.35 25.14
C ASP D 38 10.78 26.14 25.06
N LYS D 39 10.50 25.22 24.14
CA LYS D 39 11.29 23.96 24.07
C LYS D 39 11.09 23.21 22.75
N VAL D 40 12.20 22.74 22.16
CA VAL D 40 12.16 22.01 20.94
C VAL D 40 11.71 20.59 21.23
N LEU D 41 10.62 20.17 20.60
CA LEU D 41 10.05 18.86 20.84
C LEU D 41 10.62 17.80 19.88
N TYR D 42 10.88 18.22 18.63
CA TYR D 42 11.36 17.31 17.62
C TYR D 42 12.24 17.98 16.52
N GLY D 43 13.32 17.35 16.12
CA GLY D 43 14.11 17.84 15.02
C GLY D 43 15.27 18.70 15.49
N PRO D 44 15.95 19.39 14.55
CA PRO D 44 15.67 19.37 13.09
C PRO D 44 15.73 17.96 12.51
N THR D 45 14.87 17.66 11.53
CA THR D 45 14.80 16.34 10.91
C THR D 45 14.21 16.58 9.56
N PRO D 46 14.66 15.79 8.57
CA PRO D 46 14.10 15.89 7.21
C PRO D 46 12.60 15.59 7.20
N VAL D 47 11.83 16.43 6.48
CA VAL D 47 10.39 16.23 6.22
C VAL D 47 10.14 14.74 5.80
N ARG D 48 11.02 14.25 4.95
CA ARG D 48 11.03 12.90 4.34
C ARG D 48 11.12 11.79 5.37
N ASP D 49 11.71 12.08 6.54
CA ASP D 49 11.86 11.13 7.67
C ASP D 49 10.83 11.31 8.77
N GLY D 50 10.42 12.54 9.05
CA GLY D 50 9.41 12.78 10.08
C GLY D 50 7.96 12.66 9.63
N PHE D 51 7.73 12.90 8.33
CA PHE D 51 6.40 12.76 7.75
C PHE D 51 6.58 11.84 6.61
N LYS D 52 6.29 10.56 6.78
CA LYS D 52 6.61 9.65 5.72
C LYS D 52 5.61 9.45 4.65
N SER D 53 4.41 9.98 4.83
CA SER D 53 3.44 9.99 3.75
C SER D 53 3.98 10.92 2.66
N LEU D 54 5.00 11.70 3.02
CA LEU D 54 5.60 12.69 2.15
C LEU D 54 6.97 12.25 1.64
N ASN D 55 7.51 11.18 2.19
CA ASN D 55 8.82 10.72 1.79
C ASN D 55 9.06 10.68 0.28
N GLN D 56 8.26 9.91 -0.45
CA GLN D 56 8.42 9.84 -1.88
C GLN D 56 7.42 10.76 -2.62
N THR D 57 7.66 12.06 -2.47
CA THR D 57 6.89 13.14 -3.06
C THR D 57 7.85 14.29 -3.19
N ILE D 58 7.48 15.33 -3.93
CA ILE D 58 8.27 16.55 -4.04
C ILE D 58 8.55 17.22 -2.68
N PHE D 59 7.60 17.13 -1.74
CA PHE D 59 7.81 17.67 -0.40
C PHE D 59 8.91 16.94 0.36
N GLY D 60 9.02 15.63 0.11
CA GLY D 60 10.00 14.83 0.82
C GLY D 60 11.36 15.09 0.24
N SER D 61 11.42 15.26 -1.09
CA SER D 61 12.68 15.64 -1.81
C SER D 61 13.22 17.04 -1.47
N TYR D 62 12.34 18.03 -1.45
CA TYR D 62 12.73 19.47 -1.31
C TYR D 62 12.20 20.26 -0.07
N GLY D 63 11.37 19.62 0.76
CA GLY D 63 10.82 20.29 1.91
C GLY D 63 9.61 21.12 1.54
N ILE D 64 9.25 22.02 2.45
CA ILE D 64 8.04 22.83 2.40
C ILE D 64 8.38 24.31 2.47
N ASP D 65 7.85 25.11 1.52
CA ASP D 65 8.16 26.55 1.52
C ASP D 65 7.02 27.44 1.92
N CYS D 66 5.87 26.89 2.31
CA CYS D 66 4.77 27.69 2.79
C CYS D 66 3.73 26.70 3.28
N SER D 67 2.92 27.14 4.22
CA SER D 67 1.95 26.30 4.83
C SER D 67 1.05 27.13 5.71
N PHE D 68 -0.10 26.57 6.09
CA PHE D 68 -1.02 27.16 7.05
C PHE D 68 -1.96 26.06 7.47
N ASP D 69 -2.29 26.04 8.75
CA ASP D 69 -3.22 25.08 9.29
C ASP D 69 -4.61 25.52 8.89
N THR D 70 -5.52 24.54 8.73
CA THR D 70 -6.90 24.78 8.38
C THR D 70 -7.80 24.51 9.61
N GLU D 71 -7.96 23.22 9.92
CA GLU D 71 -8.78 22.74 11.03
C GLU D 71 -8.40 21.33 11.43
N ASN D 72 -8.72 20.96 12.66
CA ASN D 72 -8.42 19.62 13.16
C ASN D 72 -6.94 19.33 13.01
N ASN D 73 -6.59 18.22 12.36
CA ASN D 73 -5.17 17.91 12.22
C ASN D 73 -4.68 18.09 10.81
N GLU D 74 -5.30 19.03 10.11
CA GLU D 74 -4.99 19.34 8.71
C GLU D 74 -4.29 20.69 8.47
N ALA D 75 -3.48 20.71 7.43
CA ALA D 75 -2.72 21.87 6.98
C ALA D 75 -2.39 21.75 5.48
N PHE D 76 -2.48 22.89 4.79
CA PHE D 76 -2.05 23.00 3.39
C PHE D 76 -0.59 23.29 3.38
N ILE D 77 0.17 22.52 2.61
CA ILE D 77 1.65 22.70 2.48
C ILE D 77 1.95 23.11 1.04
N PHE D 78 3.01 23.87 0.83
CA PHE D 78 3.37 24.29 -0.52
C PHE D 78 4.87 24.03 -0.80
N TYR D 79 5.19 23.88 -2.09
CA TYR D 79 6.53 23.87 -2.55
C TYR D 79 6.48 24.44 -3.95
N GLU D 80 7.15 25.57 -4.20
CA GLU D 80 7.12 26.20 -5.52
C GLU D 80 5.68 26.26 -6.03
N ASN D 81 5.39 25.75 -7.22
CA ASN D 81 4.03 25.82 -7.75
C ASN D 81 3.04 24.69 -7.32
N PHE D 82 3.44 23.81 -6.40
CA PHE D 82 2.61 22.70 -6.03
C PHE D 82 2.23 22.82 -4.56
N CYS D 83 1.01 22.33 -4.27
CA CYS D 83 0.49 22.26 -2.91
C CYS D 83 -0.26 20.92 -2.58
N ALA D 84 -0.40 20.59 -1.31
CA ALA D 84 -1.08 19.35 -0.87
C ALA D 84 -1.71 19.67 0.45
N LEU D 85 -2.90 19.12 0.70
CA LEU D 85 -3.52 19.20 2.04
C LEU D 85 -3.13 17.93 2.74
N ILE D 86 -2.64 18.02 3.95
CA ILE D 86 -2.23 16.87 4.67
C ILE D 86 -2.93 16.82 6.02
N ASP D 87 -2.85 15.65 6.63
CA ASP D 87 -3.28 15.47 7.99
C ASP D 87 -1.97 15.15 8.69
N TYR D 88 -1.49 16.05 9.58
CA TYR D 88 -0.18 15.82 10.23
C TYR D 88 -0.19 14.90 11.50
N ALA D 89 -1.39 14.44 11.88
CA ALA D 89 -1.59 13.53 13.00
C ALA D 89 -0.58 13.70 14.11
N PRO D 90 -0.66 14.82 14.89
CA PRO D 90 0.31 15.13 15.96
C PRO D 90 0.38 14.11 17.14
N HIS D 91 -0.72 13.37 17.31
CA HIS D 91 -0.89 12.44 18.42
C HIS D 91 -0.35 11.01 18.09
N SER D 92 -0.48 10.62 16.83
CA SER D 92 -0.15 9.25 16.43
C SER D 92 1.11 9.14 15.61
N LYS D 93 1.47 10.26 14.96
CA LYS D 93 2.58 10.34 13.99
C LYS D 93 2.28 9.48 12.77
N LYS D 94 1.00 9.31 12.44
CA LYS D 94 0.52 8.61 11.21
C LYS D 94 -0.03 9.64 10.21
N ASP D 95 0.85 10.55 9.76
CA ASP D 95 0.53 11.54 8.77
C ASP D 95 0.21 10.90 7.44
N LYS D 96 -0.70 11.55 6.71
CA LYS D 96 -0.99 11.19 5.37
C LYS D 96 -1.36 12.43 4.56
N ILE D 97 -1.36 12.24 3.25
CA ILE D 97 -1.81 13.25 2.30
C ILE D 97 -3.32 13.05 2.17
N ILE D 98 -4.05 14.14 2.05
CA ILE D 98 -5.50 14.11 1.84
C ILE D 98 -5.80 14.62 0.41
N LEU D 99 -5.02 15.60 -0.06
CA LEU D 99 -5.28 16.21 -1.36
C LEU D 99 -3.97 16.54 -2.07
N GLY D 100 -3.85 16.18 -3.35
CA GLY D 100 -2.64 16.44 -4.12
C GLY D 100 -1.54 15.38 -4.05
N PRO D 101 -0.29 15.75 -4.36
CA PRO D 101 0.15 17.12 -4.73
C PRO D 101 -0.44 17.71 -6.05
N LYS D 102 -0.87 18.96 -5.97
CA LYS D 102 -1.50 19.65 -7.11
C LYS D 102 -0.99 21.08 -7.22
N LYS D 103 -1.11 21.65 -8.41
CA LYS D 103 -0.54 22.96 -8.70
C LYS D 103 -1.39 23.99 -7.93
N ILE D 104 -0.76 25.04 -7.46
CA ILE D 104 -1.48 26.03 -6.69
C ILE D 104 -2.72 26.55 -7.43
N ALA D 105 -2.57 26.91 -8.71
CA ALA D 105 -3.67 27.47 -9.51
C ALA D 105 -4.77 26.42 -9.79
N ASP D 106 -4.53 25.18 -9.37
CA ASP D 106 -5.43 24.06 -9.56
C ASP D 106 -6.39 23.98 -8.35
N VAL D 107 -5.81 23.88 -7.16
CA VAL D 107 -6.54 23.83 -5.92
C VAL D 107 -7.20 25.17 -5.66
N PHE D 108 -6.41 26.21 -5.96
CA PHE D 108 -6.85 27.58 -5.81
C PHE D 108 -6.97 28.30 -7.16
N PRO D 109 -8.08 28.07 -7.91
CA PRO D 109 -8.17 28.66 -9.26
C PRO D 109 -8.13 30.22 -9.33
N PHE D 110 -8.60 30.91 -8.30
CA PHE D 110 -8.53 32.37 -8.25
C PHE D 110 -7.07 32.94 -8.32
N PHE D 111 -6.09 32.07 -8.06
CA PHE D 111 -4.71 32.49 -7.98
C PHE D 111 -4.07 32.35 -9.33
N GLU D 112 -4.83 31.85 -10.28
CA GLU D 112 -4.24 31.56 -11.52
C GLU D 112 -4.01 32.86 -12.34
N GLY D 113 -2.77 33.02 -12.82
CA GLY D 113 -2.36 34.22 -13.52
C GLY D 113 -2.03 35.33 -12.56
N THR D 114 -1.85 35.00 -11.27
CA THR D 114 -1.47 35.98 -10.26
C THR D 114 -0.11 35.61 -9.75
N VAL D 115 0.47 36.47 -8.90
CA VAL D 115 1.83 36.24 -8.33
C VAL D 115 1.86 34.98 -7.45
N PHE D 116 0.70 34.45 -7.07
CA PHE D 116 0.62 33.29 -6.18
C PHE D 116 0.68 31.96 -6.94
N GLU D 117 0.45 32.00 -8.23
CA GLU D 117 0.40 30.80 -9.02
C GLU D 117 1.70 30.02 -8.98
N SER D 118 2.81 30.73 -9.08
CA SER D 118 4.13 30.06 -9.15
C SER D 118 4.77 29.77 -7.78
N GLY D 119 4.02 30.05 -6.72
CA GLY D 119 4.47 29.87 -5.35
C GLY D 119 4.04 30.97 -4.40
N ILE D 120 3.98 30.64 -3.10
CA ILE D 120 3.54 31.59 -2.05
C ILE D 120 4.71 31.70 -1.00
N ASP D 121 4.97 32.87 -0.44
CA ASP D 121 6.02 33.05 0.54
C ASP D 121 5.64 32.59 1.94
N ALA D 122 4.48 33.05 2.40
CA ALA D 122 4.02 32.82 3.78
C ALA D 122 2.49 32.92 3.93
N ALA D 123 1.96 32.36 5.01
CA ALA D 123 0.49 32.31 5.23
C ALA D 123 0.18 32.13 6.69
N TYR D 124 -1.02 32.54 7.11
CA TYR D 124 -1.48 32.23 8.42
C TYR D 124 -2.97 32.21 8.53
N ARG D 125 -3.45 31.32 9.42
CA ARG D 125 -4.87 31.09 9.64
C ARG D 125 -5.52 32.24 10.41
N SER D 126 -6.55 32.82 9.83
CA SER D 126 -7.27 33.91 10.51
C SER D 126 -8.01 33.27 11.68
N THR D 127 -8.40 34.07 12.68
CA THR D 127 -9.26 33.61 13.76
C THR D 127 -10.70 33.61 13.28
N ARG D 128 -10.94 34.18 12.10
CA ARG D 128 -12.31 34.30 11.61
C ARG D 128 -12.77 33.35 10.50
N GLY D 129 -13.89 32.66 10.78
CA GLY D 129 -14.47 31.72 9.83
C GLY D 129 -13.45 30.78 9.30
N LYS D 130 -13.27 30.84 7.99
CA LYS D 130 -12.39 29.97 7.26
C LYS D 130 -11.44 30.79 6.40
N GLU D 131 -11.01 31.92 6.95
CA GLU D 131 -10.14 32.82 6.22
C GLU D 131 -8.66 32.60 6.51
N VAL D 132 -7.84 32.96 5.51
CA VAL D 132 -6.39 32.77 5.50
C VAL D 132 -5.80 33.99 4.80
N TYR D 133 -4.61 34.41 5.26
CA TYR D 133 -3.82 35.49 4.66
C TYR D 133 -2.59 34.86 4.06
N LEU D 134 -2.30 35.20 2.82
CA LEU D 134 -1.14 34.66 2.11
C LEU D 134 -0.28 35.84 1.55
N PHE D 135 1.03 35.67 1.59
CA PHE D 135 2.00 36.67 1.19
C PHE D 135 2.90 36.14 0.09
N LYS D 136 3.11 37.01 -0.89
CA LYS D 136 4.02 36.77 -2.00
C LYS D 136 4.65 38.14 -2.37
N GLY D 137 5.98 38.28 -2.20
CA GLY D 137 6.62 39.55 -2.44
C GLY D 137 6.04 40.54 -1.49
N ASP D 138 5.76 41.73 -1.97
CA ASP D 138 5.23 42.83 -1.15
C ASP D 138 3.71 42.96 -1.25
N GLN D 139 3.06 41.87 -1.63
CA GLN D 139 1.61 41.81 -1.75
C GLN D 139 1.01 40.66 -0.94
N TYR D 140 -0.30 40.74 -0.67
CA TYR D 140 -0.94 39.73 0.14
C TYR D 140 -2.37 39.53 -0.34
N ALA D 141 -2.82 38.30 -0.14
CA ALA D 141 -4.17 37.86 -0.41
C ALA D 141 -4.88 37.38 0.88
N ARG D 142 -6.21 37.54 0.89
CA ARG D 142 -7.10 37.11 1.94
C ARG D 142 -8.19 36.30 1.24
N ILE D 143 -8.19 35.00 1.54
CA ILE D 143 -9.10 34.01 0.96
C ILE D 143 -10.01 33.28 1.99
N ASP D 144 -11.02 32.60 1.47
CA ASP D 144 -11.89 31.73 2.28
C ASP D 144 -11.72 30.31 1.69
N TYR D 145 -11.11 29.37 2.43
CA TYR D 145 -10.98 28.01 1.93
C TYR D 145 -12.28 27.23 2.00
N GLY D 146 -13.28 27.78 2.66
CA GLY D 146 -14.61 27.12 2.69
C GLY D 146 -15.42 27.32 1.44
N SER D 147 -15.20 28.44 0.76
CA SER D 147 -15.87 28.75 -0.47
C SER D 147 -14.82 28.87 -1.57
N ASN D 148 -13.56 28.59 -1.22
CA ASN D 148 -12.45 28.66 -2.18
C ASN D 148 -12.57 29.95 -3.02
N SER D 149 -12.63 31.11 -2.33
CA SER D 149 -12.78 32.40 -2.95
C SER D 149 -11.85 33.37 -2.26
N MET D 150 -11.65 34.54 -2.88
CA MET D 150 -10.85 35.59 -2.31
C MET D 150 -11.81 36.57 -1.65
N VAL D 151 -11.69 36.83 -0.34
CA VAL D 151 -12.65 37.70 0.36
C VAL D 151 -12.40 39.14 -0.08
N ASN D 152 -11.16 39.58 0.10
CA ASN D 152 -10.74 40.87 -0.47
C ASN D 152 -10.78 40.70 -2.00
N LYS D 153 -11.61 41.52 -2.68
CA LYS D 153 -11.67 41.38 -4.14
C LYS D 153 -10.30 41.55 -4.82
N GLU D 154 -9.36 42.21 -4.13
CA GLU D 154 -8.06 42.45 -4.74
C GLU D 154 -6.80 42.06 -3.97
N ILE D 155 -5.76 41.67 -4.71
CA ILE D 155 -4.42 41.50 -4.18
C ILE D 155 -3.92 42.87 -3.89
N LYS D 156 -3.61 43.13 -2.61
CA LYS D 156 -3.19 44.45 -2.14
C LYS D 156 -1.76 44.41 -1.64
N SER D 157 -1.09 45.56 -1.63
CA SER D 157 0.24 45.64 -1.08
C SER D 157 0.24 45.33 0.43
N ILE D 158 1.31 44.74 0.95
CA ILE D 158 1.42 44.52 2.40
C ILE D 158 1.23 45.80 3.26
N SER D 159 1.68 46.98 2.84
CA SER D 159 1.53 48.15 3.71
C SER D 159 0.14 48.78 3.62
N SER D 160 -0.65 48.39 2.65
CA SER D 160 -2.03 48.86 2.62
C SER D 160 -2.84 48.15 3.74
N GLY D 161 -2.55 46.87 3.98
CA GLY D 161 -3.30 46.12 4.93
C GLY D 161 -2.57 45.96 6.24
N TYR D 162 -1.27 46.25 6.24
CA TYR D 162 -0.56 46.22 7.52
C TYR D 162 0.28 47.48 7.79
N PRO D 163 -0.34 48.53 8.37
CA PRO D 163 0.32 49.79 8.65
C PRO D 163 1.59 49.64 9.50
N CYS D 164 1.51 48.76 10.50
CA CYS D 164 2.62 48.46 11.41
C CYS D 164 3.94 48.04 10.75
N PHE D 165 3.86 47.43 9.55
CA PHE D 165 5.04 46.94 8.83
C PHE D 165 5.67 48.05 7.97
N ARG D 166 4.98 49.17 7.78
CA ARG D 166 5.58 50.31 7.08
C ARG D 166 6.98 50.69 7.64
N ASN D 167 7.96 50.78 6.73
CA ASN D 167 9.33 51.10 7.11
C ASN D 167 10.01 50.00 7.94
N THR D 168 9.61 48.72 7.75
CA THR D 168 10.28 47.62 8.44
C THR D 168 10.58 46.66 7.28
N ILE D 169 11.46 45.69 7.56
CA ILE D 169 11.85 44.64 6.67
C ILE D 169 10.67 43.82 6.12
N PHE D 170 9.52 43.85 6.82
CA PHE D 170 8.30 43.11 6.47
C PHE D 170 7.41 43.83 5.43
N GLU D 171 7.62 45.14 5.26
CA GLU D 171 6.88 45.90 4.24
C GLU D 171 6.96 45.26 2.82
N SER D 172 8.16 44.74 2.54
CA SER D 172 8.48 44.12 1.30
C SER D 172 8.28 42.58 1.27
N GLY D 173 7.70 41.98 2.34
CA GLY D 173 7.53 40.52 2.42
C GLY D 173 8.12 39.77 3.62
N ALA D 174 7.70 38.52 3.79
CA ALA D 174 8.16 37.63 4.85
C ALA D 174 8.52 36.24 4.31
N ASP D 175 9.40 35.56 5.05
CA ASP D 175 9.81 34.21 4.74
C ASP D 175 8.75 33.19 5.15
N ALA D 176 8.15 33.40 6.30
CA ALA D 176 7.18 32.44 6.84
C ALA D 176 6.33 33.15 7.84
N ALA D 177 5.25 32.48 8.29
CA ALA D 177 4.34 33.04 9.28
C ALA D 177 3.42 31.96 9.84
N PHE D 178 2.82 32.23 10.99
CA PHE D 178 1.79 31.40 11.56
C PHE D 178 1.03 32.20 12.66
N ALA D 179 -0.28 31.92 12.76
CA ALA D 179 -1.16 32.34 13.86
C ALA D 179 -0.83 31.63 15.17
N SER D 180 -0.87 32.39 16.27
CA SER D 180 -0.57 31.89 17.58
C SER D 180 -1.86 31.38 18.26
N HIS D 181 -1.66 30.54 19.28
CA HIS D 181 -2.77 30.06 20.12
C HIS D 181 -3.41 31.17 20.96
N LYS D 182 -2.67 32.29 21.14
CA LYS D 182 -3.25 33.49 21.72
C LYS D 182 -4.09 34.25 20.71
N THR D 183 -5.38 34.41 21.04
CA THR D 183 -6.36 35.05 20.14
C THR D 183 -5.77 36.29 19.42
N ASN D 184 -5.69 36.20 18.09
CA ASN D 184 -5.33 37.33 17.22
C ASN D 184 -3.84 37.79 17.38
N GLU D 185 -2.95 36.85 17.61
CA GLU D 185 -1.56 37.17 17.63
C GLU D 185 -0.86 36.36 16.49
N VAL D 186 0.01 37.01 15.71
CA VAL D 186 0.59 36.38 14.54
C VAL D 186 2.09 36.59 14.53
N TYR D 187 2.83 35.51 14.26
CA TYR D 187 4.30 35.61 14.11
C TYR D 187 4.66 35.69 12.63
N PHE D 188 5.59 36.60 12.32
CA PHE D 188 6.15 36.82 10.94
C PHE D 188 7.62 36.68 11.01
N PHE D 189 8.18 35.93 10.09
CA PHE D 189 9.63 35.66 10.05
C PHE D 189 10.24 36.29 8.82
N LYS D 190 11.48 36.71 8.98
CA LYS D 190 12.31 37.23 7.90
C LYS D 190 13.76 37.21 8.34
N ASP D 191 14.52 36.35 7.67
CA ASP D 191 15.92 36.15 8.01
C ASP D 191 16.02 35.71 9.48
N ASP D 192 16.77 36.48 10.26
CA ASP D 192 16.98 36.18 11.68
C ASP D 192 16.05 36.95 12.60
N HIS D 193 15.07 37.62 12.00
CA HIS D 193 14.10 38.48 12.64
C HIS D 193 12.70 37.91 12.64
N TYR D 194 11.97 38.29 13.67
CA TYR D 194 10.55 37.96 13.76
C TYR D 194 9.89 39.25 14.18
N ALA D 195 8.64 39.39 13.82
CA ALA D 195 7.82 40.48 14.29
C ALA D 195 6.67 39.70 14.85
N ARG D 196 6.29 40.02 16.06
CA ARG D 196 5.10 39.38 16.55
C ARG D 196 3.97 40.40 16.71
N VAL D 197 2.89 40.12 16.01
CA VAL D 197 1.82 41.08 15.75
C VAL D 197 0.51 40.75 16.45
N LYS D 198 -0.24 41.82 16.61
CA LYS D 198 -1.53 41.87 17.24
C LYS D 198 -2.49 42.34 16.16
N VAL D 199 -3.17 41.38 15.51
CA VAL D 199 -4.09 41.73 14.46
C VAL D 199 -5.56 41.77 14.90
N THR D 200 -6.37 42.32 14.03
CA THR D 200 -7.84 42.31 14.22
C THR D 200 -8.41 42.47 12.78
N PRO D 201 -9.06 41.38 12.26
CA PRO D 201 -9.66 41.22 10.87
C PRO D 201 -10.33 42.56 10.34
N UNK D 202 -9.73 43.12 9.27
CA UNK D 202 -9.93 44.54 8.85
C UNK D 202 -8.91 45.33 9.69
N UNK D 203 -7.71 45.61 9.14
CA UNK D 203 -6.60 46.08 9.97
C UNK D 203 -6.12 47.50 10.37
N LYS D 204 -5.88 47.60 11.70
CA LYS D 204 -5.29 48.71 12.46
C LYS D 204 -4.43 47.78 13.45
N LEU D 205 -3.13 47.50 13.10
CA LEU D 205 -2.30 46.42 13.75
C LEU D 205 -0.99 46.90 14.40
N UNK D 206 -0.63 46.41 15.60
CA UNK D 206 0.61 46.84 16.29
C UNK D 206 1.63 45.66 16.44
N ILE D 207 2.91 45.94 16.21
CA ILE D 207 4.01 44.98 16.36
C ILE D 207 4.44 45.10 17.83
N MET D 208 3.99 44.13 18.62
CA MET D 208 4.28 44.08 20.05
C MET D 208 5.76 44.00 20.39
N ASP D 209 6.30 45.11 20.91
CA ASP D 209 7.71 45.29 21.28
C ASP D 209 8.71 45.39 20.14
N GLY D 210 8.25 45.63 18.93
CA GLY D 210 9.17 45.77 17.81
C GLY D 210 9.78 44.51 17.22
N VAL D 211 10.51 44.70 16.10
CA VAL D 211 11.19 43.62 15.42
C VAL D 211 12.37 43.19 16.27
N ARG D 212 12.41 41.91 16.60
CA ARG D 212 13.47 41.33 17.41
C ARG D 212 14.09 40.12 16.71
N GLU D 213 14.97 39.41 17.41
CA GLU D 213 15.60 38.20 16.86
C GLU D 213 14.92 36.94 17.34
N ILE D 214 14.73 36.02 16.39
CA ILE D 214 14.08 34.74 16.63
C ILE D 214 14.61 34.06 17.89
N VAL D 215 15.96 34.01 18.03
CA VAL D 215 16.62 33.27 19.12
C VAL D 215 16.58 33.98 20.48
N ASP D 216 16.41 35.31 20.50
CA ASP D 216 16.30 36.06 21.74
C ASP D 216 14.93 35.76 22.35
N TYR D 217 13.91 35.62 21.47
CA TYR D 217 12.57 35.30 21.87
C TYR D 217 12.43 33.79 22.18
N TRP D 218 13.10 32.96 21.39
CA TRP D 218 13.14 31.49 21.60
C TRP D 218 14.58 31.00 21.73
N PRO D 219 15.16 31.12 22.94
CA PRO D 219 16.53 30.66 23.18
C PRO D 219 16.79 29.19 22.82
N SER D 220 15.73 28.40 22.81
CA SER D 220 15.79 26.94 22.54
C SER D 220 16.24 26.67 21.12
N LEU D 221 16.12 27.68 20.24
CA LEU D 221 16.50 27.56 18.81
C LEU D 221 17.85 28.18 18.50
N LYS D 222 18.66 28.44 19.52
CA LYS D 222 19.87 29.22 19.40
C LYS D 222 20.95 28.69 18.47
N ASP D 223 21.23 27.39 18.53
CA ASP D 223 22.26 26.77 17.70
C ASP D 223 21.57 26.14 16.51
N ILE D 224 20.23 26.22 16.43
CA ILE D 224 19.49 25.70 15.29
C ILE D 224 19.30 26.72 14.15
N VAL D 225 18.79 27.92 14.47
CA VAL D 225 18.51 28.95 13.49
C VAL D 225 19.63 30.03 13.43
N PRO D 226 20.31 30.20 12.27
CA PRO D 226 20.18 29.48 11.00
C PRO D 226 20.79 28.08 11.11
N LEU D 227 20.21 27.13 10.35
CA LEU D 227 20.58 25.71 10.31
C LEU D 227 21.64 25.39 9.23
#